data_8KEK
#
_entry.id   8KEK
#
_cell.length_a   1.00
_cell.length_b   1.00
_cell.length_c   1.00
_cell.angle_alpha   90.00
_cell.angle_beta   90.00
_cell.angle_gamma   90.00
#
_symmetry.space_group_name_H-M   'P 1'
#
loop_
_entity.id
_entity.type
_entity.pdbx_description
1 polymer 'PW5-535 heavy chain'
2 polymer 'PW5-535 light chain'
3 polymer 'Spike glycoprotein'
#
loop_
_entity_poly.entity_id
_entity_poly.type
_entity_poly.pdbx_seq_one_letter_code
_entity_poly.pdbx_strand_id
1 'polypeptide(L)'
;EVRLVESGGGLVQPGGSLRLSCAASGFTFRNYDIHWVRQTTGKGLEWVSAVGTSGDTYYLDSVKGRFTISREDAKKSVYL
QMNSLRAGDTAMYYCVRGDASPDNIYYYMDVWGTGTRVIVSSTKGPSVFPLAPSSKSTSGGTAALGCLVKDYFPEPVTVS
WNSGALTSGVHTFPAVLQSSGLYSLSSVVTVPSSSLGTQTYICNVNHKPSNTKVDKKVEPKSCDKTHTCPPCPAPELLGG
PSVFLFPPKPKDTLMISRTPEVTCVVVDVSHEDPEVKFNWYVDGVEVHNAKTKPREEQYNSTYRVVSVLTVLHQDWLNGK
EYKCKVSNKALPAPIEKTISKAKGQPREPQVYTLPPSRDELTKNQVSLTCLVKGFYPSDIAVEWESNGQPENNYKTTPPV
LDSDGSFFLYSKLTVDKSRWQQGNVFSCSVLHEALHSHYTQKSLSLSPGK
;
H
2 'polypeptide(L)'
;DIQVTQSPSPLSASVGDRVTITCRASQTIGKYLNWYHQIPGKAPKLLISAASTLHSGVPSRFSGRGSGTDFTLTISSLQP
EDFGTYYCQQSYSSPPWTFGQGTKVEIKRTVAAPSVFIFPPSDEQLKSGTASVVCLLNNFYPREAKVQWKVDNALQSGNS
QESVTEQDSKDSTYSLSSTLTLSKADYEKHKVYACEVTHQGLSSPVTKSFNRGEC
;
L
3 'polypeptide(L)'
;MFIFLLFLTLTSGSDLDRCTTFDDVQAPNYTQHTSSMRGVYYPDEIFRSDTLYLTQDLFLPFYSNVTGFHTINHTFGNPV
IPFKDGIYFAATEKSNVVRGWVFGSTMNNKSQSVIIINNSTNVVIRACNFELCDNPFFAVSKPMGTQTHTMIFDNAFNCT
FEYISDAFSLDVSEKSGNFKHLREFVFKNKDGFLYVYKGYQPIDVVRDLPSGFNTLKPIFKLPLGINITNFRAILTAFSP
AQDIWGTSAAAYFVGYLKPTTFMLKYDENGTITDAVDCSQNPLAELKCSVKSFEIDKGIYQTSNFRVVPSGDVVRFPNIT
NLCPFGEVFNATKFPSVYAWERKKISNCVADYSVLYNSTFFSTFKCYGVSATKLNDLCFSNVYADSFVVKGDDVRQIAPG
QTGVIADYNYKLPDDFMGCVLAWNTRNIDATSTGNYNYKYRYLRHGKLRPFERDISNVPFSPDGKPCTPPALNCYWPLND
YGFYTTTGIGYQPYRVVVLSFELLNAPATVCGPKLSTDLIKNQCVNFNFNGLTGTGVLTPSSKRFQPFQQFGRDVSDFTD
SVRDPKTSEILDISPCAFGGVSVITPGTNASSEVAVLYQDVNCTDVSTAIHADQLTPAWRIYSTGNNVFQTQAGCLIGAE
HVDTSYECDIPIGAGICASYHTVSLLRSTSQKSIVAYTMSLGADSSIAYSNNTIAIPTNFSISITTEVMPVSMAKTSVDC
NMYICGDSTECANLLLQYGSFCTQLNRALSGIAAEQDRNTREVFAQVKQMYKTPTLKYFGGFNFSQILPDPLKPTKRSFI
EDLLFNKVTLADAGFMKQYGECLGDINARDLICAQKFNGLTVLPPLLTDDMIAAYTAALVSGTATAGWTFGAGAALQIPF
AMQMAYRFNGIGVTQNVLYENQKQIANQFNKAISQIQESLTTTSTALGKLQDVVNQNAQALNTLVKQLSSNFGAISSVLN
DILSRLDPPEAEVQIDRLITGRLQSLQTYVTQQLIRAAEIRASANLAATKMSECVLGQSKRVDFCGKGYHLMSFPQAAPH
GVVFLHVTYVPSQERNFTTAPAICHEGKAYFPREGVFVFNGTSWFITQRNFFSPQIITTDNTFVSGNCDVVIGIINNTVY
DPLQPELDSFKEELDKYFKNHTSPDVDLGDISGINASVVNIQKEIDRLNEVAKNLNESLIDLQELGKYEQ
;
A
#
# COMPACT_ATOMS: atom_id res chain seq x y z
N VAL A 2 1.08 -8.32 -4.90
CA VAL A 2 1.22 -7.29 -3.88
C VAL A 2 0.01 -7.30 -2.95
N ARG A 3 0.13 -8.02 -1.83
CA ARG A 3 -0.94 -8.12 -0.87
C ARG A 3 -0.36 -8.49 0.49
N LEU A 4 -0.89 -7.88 1.54
CA LEU A 4 -0.46 -8.14 2.91
C LEU A 4 -1.62 -8.76 3.68
N VAL A 5 -1.34 -9.82 4.42
CA VAL A 5 -2.34 -10.54 5.20
C VAL A 5 -2.01 -10.38 6.68
N GLU A 6 -3.01 -9.98 7.46
CA GLU A 6 -2.85 -9.78 8.89
C GLU A 6 -2.89 -11.13 9.62
N SER A 7 -2.74 -11.08 10.94
CA SER A 7 -2.79 -12.27 11.76
C SER A 7 -3.06 -11.87 13.20
N GLY A 8 -3.75 -12.76 13.92
CA GLY A 8 -4.07 -12.52 15.31
C GLY A 8 -5.20 -11.53 15.50
N GLY A 9 -5.44 -11.21 16.77
CA GLY A 9 -6.48 -10.27 17.15
C GLY A 9 -6.13 -9.58 18.43
N GLY A 10 -7.13 -9.38 19.30
CA GLY A 10 -6.88 -8.74 20.57
C GLY A 10 -7.92 -9.07 21.62
N LEU A 11 -7.46 -9.52 22.79
CA LEU A 11 -8.35 -9.84 23.89
C LEU A 11 -7.84 -9.38 25.26
N VAL A 12 -6.56 -9.00 25.38
CA VAL A 12 -6.00 -8.71 26.69
C VAL A 12 -6.64 -7.47 27.29
N GLN A 13 -6.45 -7.31 28.60
CA GLN A 13 -6.97 -6.20 29.38
C GLN A 13 -6.02 -5.02 29.33
N PRO A 14 -6.51 -3.82 29.62
CA PRO A 14 -5.62 -2.64 29.65
C PRO A 14 -4.54 -2.80 30.71
N GLY A 15 -3.29 -2.84 30.26
CA GLY A 15 -2.16 -3.01 31.15
C GLY A 15 -1.31 -4.22 30.81
N GLY A 16 -1.60 -4.84 29.67
CA GLY A 16 -0.85 -6.01 29.25
C GLY A 16 -0.11 -5.82 27.95
N SER A 17 0.47 -6.89 27.42
CA SER A 17 1.24 -6.85 26.18
C SER A 17 0.56 -7.72 25.13
N LEU A 18 0.57 -7.24 23.89
CA LEU A 18 -0.03 -7.98 22.78
C LEU A 18 0.57 -7.46 21.49
N ARG A 19 1.28 -8.33 20.77
CA ARG A 19 1.94 -7.96 19.53
C ARG A 19 1.11 -8.38 18.32
N LEU A 20 1.46 -7.81 17.17
CA LEU A 20 0.79 -8.08 15.91
C LEU A 20 1.81 -8.56 14.88
N SER A 21 1.33 -8.87 13.68
CA SER A 21 2.20 -9.32 12.60
C SER A 21 1.56 -8.97 11.27
N CYS A 22 2.40 -8.72 10.27
CA CYS A 22 1.95 -8.36 8.93
C CYS A 22 2.85 -9.08 7.92
N ALA A 23 2.27 -10.05 7.20
CA ALA A 23 3.03 -10.82 6.23
C ALA A 23 3.14 -10.02 4.93
N ALA A 24 3.59 -10.69 3.86
CA ALA A 24 3.80 -10.04 2.58
C ALA A 24 3.46 -11.05 1.48
N SER A 25 3.90 -10.76 0.26
CA SER A 25 3.60 -11.62 -0.88
C SER A 25 4.80 -11.57 -1.83
N GLY A 26 4.57 -12.01 -3.08
CA GLY A 26 5.65 -12.14 -4.05
C GLY A 26 6.37 -10.86 -4.39
N PHE A 27 5.82 -9.70 -4.01
CA PHE A 27 6.49 -8.45 -4.31
C PHE A 27 7.78 -8.32 -3.50
N THR A 28 8.71 -7.51 -4.03
CA THR A 28 10.02 -7.36 -3.40
C THR A 28 9.91 -6.52 -2.13
N PHE A 29 9.75 -7.18 -0.99
CA PHE A 29 9.62 -6.50 0.29
C PHE A 29 10.97 -6.44 1.02
N ARG A 30 11.91 -5.73 0.41
CA ARG A 30 13.20 -5.49 1.04
C ARG A 30 13.66 -4.05 0.89
N ASN A 31 12.94 -3.20 0.17
CA ASN A 31 13.29 -1.80 0.00
C ASN A 31 12.15 -0.84 0.29
N TYR A 32 10.91 -1.30 0.31
CA TYR A 32 9.77 -0.44 0.57
C TYR A 32 9.60 -0.21 2.07
N ASP A 33 8.63 0.64 2.41
CA ASP A 33 8.35 0.97 3.80
C ASP A 33 7.14 0.20 4.30
N ILE A 34 6.96 0.22 5.62
CA ILE A 34 5.82 -0.44 6.25
C ILE A 34 5.38 0.37 7.46
N HIS A 35 4.15 0.86 7.43
CA HIS A 35 3.59 1.66 8.51
C HIS A 35 2.28 1.04 8.99
N TRP A 36 1.78 1.55 10.11
CA TRP A 36 0.53 1.09 10.70
C TRP A 36 -0.54 2.16 10.59
N VAL A 37 -1.80 1.72 10.70
CA VAL A 37 -2.96 2.60 10.62
C VAL A 37 -3.96 2.16 11.68
N ARG A 38 -4.48 3.13 12.44
CA ARG A 38 -5.43 2.87 13.52
C ARG A 38 -6.77 3.48 13.16
N GLN A 39 -7.76 2.63 12.87
CA GLN A 39 -9.12 3.06 12.57
C GLN A 39 -10.03 2.63 13.71
N THR A 40 -10.56 3.61 14.45
CA THR A 40 -11.41 3.36 15.61
C THR A 40 -12.87 3.18 15.23
N THR A 41 -13.17 2.89 13.96
CA THR A 41 -14.53 2.65 13.48
C THR A 41 -15.44 3.85 13.82
N GLY A 42 -15.10 4.99 13.22
CA GLY A 42 -15.86 6.21 13.44
C GLY A 42 -15.00 7.37 13.90
N LYS A 43 -13.68 7.22 13.76
CA LYS A 43 -12.73 8.27 14.14
C LYS A 43 -11.69 8.39 13.03
N GLY A 44 -10.63 9.13 13.30
CA GLY A 44 -9.59 9.35 12.33
C GLY A 44 -8.52 8.26 12.33
N LEU A 45 -7.88 8.09 11.18
CA LEU A 45 -6.81 7.12 11.01
C LEU A 45 -5.55 7.69 11.65
N GLU A 46 -5.38 7.43 12.95
CA GLU A 46 -4.32 8.02 13.75
C GLU A 46 -3.23 7.00 13.99
N TRP A 47 -2.23 7.00 13.12
CA TRP A 47 -1.00 6.22 13.33
C TRP A 47 0.07 6.76 12.39
N VAL A 48 1.28 6.91 12.92
CA VAL A 48 2.40 7.44 12.16
C VAL A 48 3.65 6.57 12.26
N SER A 49 3.61 5.48 13.03
CA SER A 49 4.79 4.65 13.21
C SER A 49 5.16 3.95 11.91
N ALA A 50 6.45 3.91 11.61
CA ALA A 50 6.94 3.31 10.38
C ALA A 50 8.42 2.99 10.53
N VAL A 51 8.85 1.94 9.84
CA VAL A 51 10.25 1.55 9.77
C VAL A 51 10.67 1.45 8.31
N GLY A 52 11.88 1.88 8.01
CA GLY A 52 12.40 1.92 6.68
C GLY A 52 13.47 0.88 6.42
N THR A 53 14.24 1.11 5.36
CA THR A 53 15.31 0.19 5.00
C THR A 53 16.42 0.19 6.05
N SER A 54 16.76 1.36 6.57
CA SER A 54 17.79 1.48 7.59
C SER A 54 17.19 1.18 8.96
N GLY A 55 17.93 1.48 10.03
CA GLY A 55 17.46 1.25 11.38
C GLY A 55 16.47 2.30 11.85
N ASP A 56 15.79 2.94 10.90
CA ASP A 56 14.83 3.98 11.24
C ASP A 56 13.62 3.38 11.92
N THR A 57 13.27 3.92 13.09
CA THR A 57 12.11 3.48 13.86
C THR A 57 11.33 4.70 14.31
N TYR A 58 10.18 4.94 13.69
CA TYR A 58 9.33 6.07 13.99
C TYR A 58 8.14 5.66 14.86
N TYR A 59 7.66 6.59 15.67
CA TYR A 59 6.54 6.35 16.56
C TYR A 59 5.67 7.60 16.60
N LEU A 60 4.59 7.53 17.39
CA LEU A 60 3.69 8.65 17.60
C LEU A 60 4.09 9.39 18.87
N ASP A 61 3.76 10.69 18.90
CA ASP A 61 4.12 11.51 20.05
C ASP A 61 3.42 11.05 21.32
N SER A 62 2.18 10.56 21.19
CA SER A 62 1.45 10.09 22.36
C SER A 62 2.00 8.76 22.85
N VAL A 63 1.98 7.74 21.99
CA VAL A 63 2.50 6.40 22.35
C VAL A 63 3.97 6.42 21.97
N LYS A 64 4.80 6.94 22.88
CA LYS A 64 6.24 7.01 22.70
C LYS A 64 6.91 6.30 23.87
N GLY A 65 7.91 5.48 23.57
CA GLY A 65 8.56 4.68 24.59
C GLY A 65 7.78 3.48 25.06
N ARG A 66 6.59 3.25 24.51
CA ARG A 66 5.74 2.12 24.87
C ARG A 66 5.69 1.04 23.81
N PHE A 67 5.65 1.42 22.53
CA PHE A 67 5.57 0.46 21.43
C PHE A 67 6.92 0.35 20.74
N THR A 68 7.22 -0.82 20.22
CA THR A 68 8.44 -1.07 19.47
C THR A 68 8.10 -1.73 18.15
N ILE A 69 8.90 -1.44 17.12
CA ILE A 69 8.68 -1.95 15.77
C ILE A 69 9.89 -2.75 15.35
N SER A 70 9.66 -3.77 14.53
CA SER A 70 10.73 -4.61 14.01
C SER A 70 10.24 -5.29 12.74
N ARG A 71 11.15 -5.43 11.77
CA ARG A 71 10.82 -6.05 10.49
C ARG A 71 11.90 -7.06 10.12
N GLU A 72 11.51 -8.01 9.27
CA GLU A 72 12.42 -9.04 8.78
C GLU A 72 12.27 -9.12 7.27
N ASP A 73 13.39 -9.00 6.55
CA ASP A 73 13.35 -8.98 5.09
C ASP A 73 13.07 -10.36 4.53
N ALA A 74 13.85 -11.36 4.93
CA ALA A 74 13.68 -12.71 4.39
C ALA A 74 12.35 -13.32 4.84
N LYS A 75 11.96 -13.07 6.09
CA LYS A 75 10.71 -13.63 6.60
C LYS A 75 9.48 -12.94 6.02
N LYS A 76 9.65 -11.75 5.46
CA LYS A 76 8.54 -10.99 4.87
C LYS A 76 7.45 -10.70 5.89
N SER A 77 7.86 -10.42 7.13
CA SER A 77 6.93 -10.15 8.22
C SER A 77 7.39 -8.92 8.99
N VAL A 78 6.42 -8.14 9.47
CA VAL A 78 6.67 -6.96 10.27
C VAL A 78 5.88 -7.09 11.57
N TYR A 79 6.53 -6.79 12.69
CA TYR A 79 5.94 -6.95 14.00
C TYR A 79 5.71 -5.59 14.66
N LEU A 80 4.75 -5.56 15.59
CA LEU A 80 4.42 -4.36 16.34
C LEU A 80 3.98 -4.80 17.73
N GLN A 81 4.86 -4.65 18.71
CA GLN A 81 4.56 -5.02 20.09
C GLN A 81 3.94 -3.84 20.82
N MET A 82 2.91 -4.12 21.62
CA MET A 82 2.16 -3.10 22.34
C MET A 82 2.32 -3.34 23.84
N ASN A 83 3.33 -2.70 24.42
CA ASN A 83 3.58 -2.79 25.86
C ASN A 83 2.83 -1.67 26.59
N SER A 84 2.33 -1.99 27.78
CA SER A 84 1.56 -1.06 28.60
C SER A 84 0.37 -0.51 27.82
N LEU A 85 -0.48 -1.42 27.36
CA LEU A 85 -1.62 -1.05 26.54
C LEU A 85 -2.70 -0.40 27.40
N ARG A 86 -3.19 0.74 26.94
CA ARG A 86 -4.25 1.46 27.65
C ARG A 86 -5.62 1.05 27.09
N ALA A 87 -6.67 1.71 27.55
CA ALA A 87 -8.03 1.39 27.13
C ALA A 87 -8.51 2.26 25.97
N GLY A 88 -7.72 3.24 25.54
CA GLY A 88 -8.13 4.12 24.46
C GLY A 88 -7.51 3.75 23.12
N ASP A 89 -7.10 2.49 22.97
CA ASP A 89 -6.47 2.01 21.75
C ASP A 89 -7.31 0.95 21.04
N THR A 90 -8.53 0.71 21.49
CA THR A 90 -9.38 -0.31 20.88
C THR A 90 -9.78 0.13 19.47
N ALA A 91 -9.17 -0.47 18.46
CA ALA A 91 -9.40 -0.09 17.08
C ALA A 91 -8.92 -1.21 16.17
N MET A 92 -9.07 -1.00 14.87
CA MET A 92 -8.65 -1.96 13.86
C MET A 92 -7.33 -1.50 13.25
N TYR A 93 -6.28 -2.29 13.44
CA TYR A 93 -4.95 -1.90 13.00
C TYR A 93 -4.66 -2.46 11.62
N TYR A 94 -4.19 -1.60 10.73
CA TYR A 94 -3.86 -1.96 9.36
C TYR A 94 -2.35 -1.88 9.13
N CYS A 95 -1.92 -2.36 7.98
CA CYS A 95 -0.52 -2.29 7.57
C CYS A 95 -0.46 -1.73 6.16
N VAL A 96 0.37 -0.69 5.97
CA VAL A 96 0.45 0.03 4.71
C VAL A 96 1.90 0.06 4.25
N ARG A 97 2.08 0.45 2.99
CA ARG A 97 3.40 0.54 2.37
C ARG A 97 3.54 1.91 1.71
N GLY A 98 4.72 2.50 1.85
CA GLY A 98 5.02 3.81 1.31
C GLY A 98 6.01 3.72 0.16
N ASP A 99 5.80 4.53 -0.87
CA ASP A 99 6.67 4.52 -2.03
C ASP A 99 6.51 5.85 -2.77
N ALA A 100 7.62 6.33 -3.32
CA ALA A 100 7.66 7.58 -4.06
C ALA A 100 8.05 7.29 -5.51
N SER A 101 7.24 7.80 -6.46
CA SER A 101 7.50 7.49 -7.86
C SER A 101 8.74 8.20 -8.38
N PRO A 102 8.79 9.56 -8.48
CA PRO A 102 9.99 10.19 -9.04
C PRO A 102 11.22 10.03 -8.15
N ASP A 103 11.23 10.67 -6.98
CA ASP A 103 12.20 10.31 -5.96
C ASP A 103 11.63 10.32 -4.54
N ASN A 104 10.89 11.38 -4.19
CA ASN A 104 10.48 11.58 -2.80
C ASN A 104 9.09 12.14 -2.58
N ILE A 105 8.42 12.67 -3.62
CA ILE A 105 7.35 13.64 -3.40
C ILE A 105 6.23 13.07 -2.55
N TYR A 106 5.68 11.92 -2.95
CA TYR A 106 4.52 11.36 -2.28
C TYR A 106 4.83 9.96 -1.77
N TYR A 107 3.98 9.49 -0.85
CA TYR A 107 4.06 8.15 -0.30
C TYR A 107 2.97 7.23 -0.79
N TYR A 108 1.77 7.75 -1.01
CA TYR A 108 0.66 7.10 -1.70
C TYR A 108 -0.02 6.00 -0.89
N MET A 109 0.57 5.59 0.24
CA MET A 109 0.08 4.46 1.03
C MET A 109 -0.38 3.32 0.13
N ASP A 110 0.59 2.79 -0.63
CA ASP A 110 0.31 1.99 -1.82
C ASP A 110 -0.63 0.81 -1.57
N VAL A 111 -0.22 -0.15 -0.76
CA VAL A 111 -0.98 -1.36 -0.53
C VAL A 111 -1.36 -1.43 0.95
N TRP A 112 -2.66 -1.62 1.21
CA TRP A 112 -3.18 -1.76 2.56
C TRP A 112 -3.23 -3.24 2.94
N GLY A 113 -3.88 -3.55 4.05
CA GLY A 113 -4.03 -4.93 4.47
C GLY A 113 -5.49 -5.32 4.65
N THR A 114 -5.77 -6.12 5.68
CA THR A 114 -7.13 -6.54 5.99
C THR A 114 -7.62 -6.03 7.33
N GLY A 115 -6.74 -5.85 8.31
CA GLY A 115 -7.13 -5.32 9.59
C GLY A 115 -6.97 -6.30 10.74
N THR A 116 -6.88 -5.77 11.96
CA THR A 116 -6.76 -6.59 13.16
C THR A 116 -7.31 -5.79 14.33
N ARG A 117 -8.34 -6.32 14.98
CA ARG A 117 -9.01 -5.62 16.07
C ARG A 117 -8.35 -5.99 17.39
N VAL A 118 -7.84 -5.00 18.10
CA VAL A 118 -7.22 -5.20 19.41
C VAL A 118 -8.09 -4.44 20.41
N ILE A 119 -9.04 -5.14 21.01
CA ILE A 119 -9.95 -4.57 21.99
C ILE A 119 -9.43 -4.87 23.38
N VAL A 120 -9.70 -3.97 24.32
CA VAL A 120 -9.19 -4.07 25.69
C VAL A 120 -10.37 -3.84 26.63
N SER A 121 -11.00 -4.92 27.06
CA SER A 121 -12.11 -4.87 28.02
C SER A 121 -12.40 -6.29 28.47
N SER A 122 -13.46 -6.45 29.26
CA SER A 122 -13.88 -7.74 29.78
C SER A 122 -14.99 -8.33 28.92
N THR A 123 -15.16 -9.65 29.05
CA THR A 123 -16.15 -10.39 28.28
C THR A 123 -17.16 -11.06 29.20
N LYS A 124 -18.39 -11.19 28.71
CA LYS A 124 -19.47 -11.82 29.45
C LYS A 124 -20.28 -12.68 28.49
N GLY A 125 -21.46 -13.12 28.94
CA GLY A 125 -22.32 -13.93 28.13
C GLY A 125 -23.57 -13.18 27.70
N PRO A 126 -23.91 -13.26 26.41
CA PRO A 126 -25.08 -12.52 25.91
C PRO A 126 -26.38 -13.05 26.48
N SER A 127 -27.27 -12.13 26.81
CA SER A 127 -28.59 -12.44 27.36
C SER A 127 -29.65 -11.91 26.41
N VAL A 128 -30.41 -12.81 25.80
CA VAL A 128 -31.47 -12.44 24.87
C VAL A 128 -32.77 -12.29 25.65
N PHE A 129 -33.66 -11.43 25.15
CA PHE A 129 -34.96 -11.17 25.77
C PHE A 129 -36.07 -11.70 24.87
N PRO A 130 -36.45 -12.97 25.02
CA PRO A 130 -37.53 -13.52 24.17
C PRO A 130 -38.92 -13.17 24.70
N LEU A 131 -39.95 -13.75 24.09
CA LEU A 131 -41.34 -13.54 24.46
C LEU A 131 -41.74 -12.07 24.30
N ALA A 132 -41.61 -11.59 23.07
CA ALA A 132 -42.06 -10.26 22.73
C ALA A 132 -43.57 -10.19 22.80
N PRO A 133 -44.14 -8.99 23.04
CA PRO A 133 -45.60 -8.86 23.07
C PRO A 133 -46.26 -9.26 21.75
N SER A 134 -47.04 -10.33 21.78
CA SER A 134 -47.65 -10.84 20.55
C SER A 134 -48.89 -10.04 20.20
N SER A 135 -49.88 -10.02 21.09
CA SER A 135 -51.12 -9.28 20.83
C SER A 135 -51.62 -8.73 22.18
N LYS A 136 -51.23 -7.50 22.49
CA LYS A 136 -51.68 -6.83 23.70
C LYS A 136 -52.27 -5.46 23.43
N SER A 137 -51.74 -4.71 22.46
CA SER A 137 -52.26 -3.40 22.12
C SER A 137 -52.41 -3.15 20.63
N THR A 138 -51.70 -3.86 19.78
CA THR A 138 -51.75 -3.64 18.33
C THR A 138 -51.68 -5.01 17.64
N SER A 139 -52.79 -5.40 17.00
CA SER A 139 -52.86 -6.67 16.27
C SER A 139 -52.88 -6.46 14.77
N GLY A 140 -53.76 -5.61 14.25
CA GLY A 140 -53.84 -5.37 12.83
C GLY A 140 -52.91 -4.26 12.36
N GLY A 141 -52.86 -4.10 11.05
CA GLY A 141 -52.00 -3.07 10.46
C GLY A 141 -50.60 -3.58 10.28
N THR A 142 -49.63 -2.81 10.75
CA THR A 142 -48.22 -3.15 10.64
C THR A 142 -47.56 -3.07 12.00
N ALA A 143 -46.66 -4.01 12.28
CA ALA A 143 -45.94 -4.06 13.54
C ALA A 143 -44.57 -4.70 13.28
N ALA A 144 -43.91 -5.10 14.37
CA ALA A 144 -42.60 -5.75 14.27
C ALA A 144 -42.33 -6.49 15.56
N LEU A 145 -41.41 -7.46 15.47
CA LEU A 145 -41.02 -8.29 16.59
C LEU A 145 -39.79 -7.69 17.28
N GLY A 146 -39.22 -8.44 18.22
CA GLY A 146 -38.04 -7.98 18.92
C GLY A 146 -37.20 -9.10 19.51
N CYS A 147 -35.91 -9.06 19.24
CA CYS A 147 -34.94 -10.05 19.73
C CYS A 147 -33.70 -9.34 20.29
N LEU A 148 -33.94 -8.34 21.13
CA LEU A 148 -32.85 -7.53 21.68
C LEU A 148 -31.92 -8.38 22.53
N VAL A 149 -30.62 -8.23 22.31
CA VAL A 149 -29.59 -8.94 23.06
C VAL A 149 -28.74 -7.91 23.78
N LYS A 150 -28.17 -8.32 24.92
CA LYS A 150 -27.35 -7.43 25.73
C LYS A 150 -26.21 -8.21 26.36
N ASP A 151 -25.25 -7.46 26.90
CA ASP A 151 -24.16 -8.00 27.73
C ASP A 151 -23.32 -9.02 26.96
N TYR A 152 -22.66 -8.55 25.90
CA TYR A 152 -21.74 -9.39 25.14
C TYR A 152 -20.62 -8.53 24.59
N PHE A 153 -19.37 -8.94 24.87
CA PHE A 153 -18.20 -8.21 24.40
C PHE A 153 -17.92 -8.49 22.92
N PRO A 154 -17.80 -9.75 22.49
CA PRO A 154 -17.63 -10.00 21.05
C PRO A 154 -18.97 -10.12 20.36
N GLU A 155 -18.98 -9.75 19.07
CA GLU A 155 -20.21 -9.71 18.27
C GLU A 155 -20.05 -10.50 16.97
N PRO A 156 -19.82 -11.82 17.05
CA PRO A 156 -19.90 -12.68 15.86
C PRO A 156 -21.30 -13.28 15.69
N VAL A 157 -22.31 -12.43 15.71
CA VAL A 157 -23.70 -12.88 15.78
C VAL A 157 -24.43 -12.49 14.51
N THR A 158 -25.55 -13.18 14.29
CA THR A 158 -26.45 -12.91 13.16
C THR A 158 -27.81 -13.51 13.49
N VAL A 159 -28.86 -12.85 13.04
CA VAL A 159 -30.23 -13.26 13.33
C VAL A 159 -30.92 -13.52 12.00
N SER A 160 -31.07 -14.79 11.66
CA SER A 160 -31.80 -15.19 10.46
C SER A 160 -33.27 -15.44 10.80
N TRP A 161 -34.12 -15.31 9.80
CA TRP A 161 -35.57 -15.46 9.97
C TRP A 161 -36.00 -16.72 9.21
N ASN A 162 -35.91 -17.87 9.89
CA ASN A 162 -36.30 -19.16 9.34
C ASN A 162 -35.54 -19.49 8.05
N SER A 163 -34.33 -18.96 7.93
CA SER A 163 -33.46 -19.16 6.76
C SER A 163 -34.13 -18.69 5.46
N GLY A 164 -35.19 -17.89 5.55
CA GLY A 164 -35.86 -17.39 4.37
C GLY A 164 -37.06 -18.23 3.96
N ALA A 165 -38.26 -17.69 4.14
CA ALA A 165 -39.48 -18.38 3.74
C ALA A 165 -40.49 -17.50 3.01
N LEU A 166 -40.38 -16.18 3.07
CA LEU A 166 -41.32 -15.28 2.42
C LEU A 166 -40.51 -14.17 1.75
N THR A 167 -41.21 -13.16 1.26
CA THR A 167 -40.60 -12.00 0.59
C THR A 167 -41.07 -10.74 1.30
N SER A 168 -40.36 -10.34 2.36
CA SER A 168 -40.67 -9.13 3.10
C SER A 168 -39.56 -8.10 3.01
N GLY A 169 -38.35 -8.46 3.44
CA GLY A 169 -37.22 -7.55 3.36
C GLY A 169 -36.94 -6.83 4.67
N VAL A 170 -35.89 -7.24 5.38
CA VAL A 170 -35.51 -6.61 6.64
C VAL A 170 -34.08 -7.02 6.95
N HIS A 171 -33.40 -6.18 7.73
CA HIS A 171 -32.03 -6.44 8.13
C HIS A 171 -31.83 -6.02 9.59
N THR A 172 -30.80 -6.56 10.21
CA THR A 172 -30.50 -6.28 11.60
C THR A 172 -29.81 -4.92 11.73
N PHE A 173 -29.47 -4.56 12.97
CA PHE A 173 -28.82 -3.29 13.27
C PHE A 173 -27.45 -3.53 13.90
N PRO A 174 -26.46 -2.72 13.56
CA PRO A 174 -25.14 -2.86 14.20
C PRO A 174 -25.22 -2.57 15.69
N ALA A 175 -24.39 -3.29 16.45
CA ALA A 175 -24.39 -3.16 17.88
C ALA A 175 -23.82 -1.81 18.31
N VAL A 176 -24.07 -1.45 19.57
CA VAL A 176 -23.59 -0.20 20.15
C VAL A 176 -22.97 -0.50 21.50
N LEU A 177 -21.82 0.10 21.77
CA LEU A 177 -21.11 -0.12 23.03
C LEU A 177 -21.72 0.79 24.10
N GLN A 178 -22.24 0.19 25.16
CA GLN A 178 -22.85 0.94 26.24
C GLN A 178 -21.78 1.52 27.16
N SER A 179 -22.23 2.32 28.13
CA SER A 179 -21.30 2.96 29.05
C SER A 179 -20.66 1.95 30.00
N SER A 180 -21.37 0.86 30.30
CA SER A 180 -20.81 -0.16 31.19
C SER A 180 -19.66 -0.91 30.54
N GLY A 181 -19.69 -1.06 29.22
CA GLY A 181 -18.64 -1.77 28.51
C GLY A 181 -19.15 -3.01 27.79
N LEU A 182 -20.46 -3.05 27.56
CA LEU A 182 -21.10 -4.18 26.90
C LEU A 182 -21.89 -3.69 25.70
N TYR A 183 -22.10 -4.59 24.75
CA TYR A 183 -22.79 -4.28 23.50
C TYR A 183 -24.26 -4.68 23.58
N SER A 184 -25.01 -4.22 22.59
CA SER A 184 -26.44 -4.49 22.53
C SER A 184 -26.91 -4.39 21.08
N LEU A 185 -27.72 -5.37 20.66
CA LEU A 185 -28.28 -5.40 19.32
C LEU A 185 -29.80 -5.44 19.41
N SER A 186 -30.45 -4.82 18.43
CA SER A 186 -31.92 -4.76 18.36
C SER A 186 -32.34 -5.21 16.97
N SER A 187 -32.60 -6.50 16.83
CA SER A 187 -33.03 -7.07 15.55
C SER A 187 -34.54 -7.01 15.45
N VAL A 188 -35.05 -6.47 14.33
CA VAL A 188 -36.46 -6.36 14.07
C VAL A 188 -36.78 -7.02 12.73
N VAL A 189 -38.06 -7.26 12.49
CA VAL A 189 -38.52 -7.90 11.27
C VAL A 189 -39.86 -7.29 10.87
N THR A 190 -40.04 -7.07 9.58
CA THR A 190 -41.30 -6.55 9.06
C THR A 190 -42.37 -7.64 9.04
N VAL A 191 -43.62 -7.19 9.09
CA VAL A 191 -44.75 -8.11 9.12
C VAL A 191 -45.25 -8.36 7.69
N PRO A 192 -45.51 -9.60 7.31
CA PRO A 192 -46.06 -9.87 5.97
C PRO A 192 -47.54 -9.56 5.90
N SER A 193 -48.17 -9.91 4.77
CA SER A 193 -49.61 -9.69 4.62
C SER A 193 -50.43 -10.40 5.69
N SER A 194 -49.91 -11.47 6.27
CA SER A 194 -50.60 -12.21 7.33
C SER A 194 -49.56 -12.84 8.23
N SER A 195 -49.57 -12.45 9.52
CA SER A 195 -48.61 -12.97 10.48
C SER A 195 -49.22 -13.45 11.79
N LEU A 196 -50.42 -13.02 12.15
CA LEU A 196 -51.05 -13.46 13.38
C LEU A 196 -51.56 -14.88 13.21
N GLY A 197 -50.94 -15.84 13.90
CA GLY A 197 -51.30 -17.22 13.75
C GLY A 197 -50.85 -17.80 12.41
N THR A 198 -49.57 -17.65 12.11
CA THR A 198 -49.01 -18.07 10.83
C THR A 198 -47.59 -18.54 11.08
N GLN A 199 -46.80 -18.66 10.02
CA GLN A 199 -45.42 -19.09 10.13
C GLN A 199 -44.65 -18.15 11.06
N THR A 200 -44.10 -18.70 12.13
CA THR A 200 -43.39 -17.91 13.14
C THR A 200 -41.96 -17.64 12.65
N TYR A 201 -41.14 -17.06 13.52
CA TYR A 201 -39.75 -16.75 13.21
C TYR A 201 -38.87 -17.13 14.38
N ILE A 202 -37.72 -17.72 14.06
CA ILE A 202 -36.77 -18.19 15.07
C ILE A 202 -35.52 -17.32 14.98
N CYS A 203 -35.29 -16.50 15.99
CA CYS A 203 -34.09 -15.69 16.06
C CYS A 203 -32.90 -16.59 16.37
N ASN A 204 -31.98 -16.72 15.42
CA ASN A 204 -30.86 -17.65 15.54
C ASN A 204 -29.64 -16.95 16.12
N VAL A 205 -29.83 -16.37 17.31
CA VAL A 205 -28.71 -15.76 18.03
C VAL A 205 -27.83 -16.87 18.60
N ASN A 206 -26.55 -16.84 18.28
CA ASN A 206 -25.64 -17.92 18.62
C ASN A 206 -24.23 -17.36 18.71
N HIS A 207 -23.23 -18.25 18.71
CA HIS A 207 -21.82 -17.89 18.75
C HIS A 207 -21.49 -17.12 20.03
N LYS A 208 -21.71 -17.80 21.16
CA LYS A 208 -21.42 -17.33 22.51
C LYS A 208 -20.03 -17.81 22.94
N PRO A 209 -19.24 -16.95 23.58
CA PRO A 209 -17.91 -17.38 24.05
C PRO A 209 -17.97 -18.55 25.02
N SER A 210 -19.06 -18.72 25.74
CA SER A 210 -19.23 -19.84 26.66
C SER A 210 -19.78 -21.09 25.98
N ASN A 211 -19.93 -21.06 24.64
CA ASN A 211 -20.42 -22.20 23.87
C ASN A 211 -21.80 -22.64 24.35
N THR A 212 -22.66 -21.67 24.65
CA THR A 212 -24.02 -21.93 25.11
C THR A 212 -24.98 -21.22 24.14
N LYS A 213 -25.55 -21.99 23.21
CA LYS A 213 -26.49 -21.43 22.26
C LYS A 213 -27.87 -21.28 22.86
N VAL A 214 -28.62 -20.29 22.38
CA VAL A 214 -29.96 -20.02 22.87
C VAL A 214 -30.79 -19.44 21.73
N ASP A 215 -31.92 -20.07 21.44
CA ASP A 215 -32.83 -19.63 20.40
C ASP A 215 -34.26 -19.76 20.91
N LYS A 216 -35.09 -18.77 20.56
CA LYS A 216 -36.49 -18.79 20.98
C LYS A 216 -37.30 -17.87 20.09
N LYS A 217 -38.55 -18.25 19.87
CA LYS A 217 -39.45 -17.47 19.02
C LYS A 217 -40.10 -16.34 19.81
N VAL A 218 -40.16 -15.16 19.19
CA VAL A 218 -40.78 -14.00 19.81
C VAL A 218 -42.06 -13.63 19.08
N ASP B 1 0.09 21.92 14.01
CA ASP B 1 0.60 21.22 12.83
C ASP B 1 -0.14 21.67 11.57
N ILE B 2 -0.16 20.79 10.56
CA ILE B 2 -0.83 21.08 9.29
C ILE B 2 -2.28 20.62 9.45
N GLN B 3 -3.12 21.50 9.98
CA GLN B 3 -4.53 21.18 10.18
C GLN B 3 -5.26 21.23 8.84
N VAL B 4 -5.82 20.09 8.44
CA VAL B 4 -6.54 19.96 7.18
C VAL B 4 -8.01 19.69 7.50
N THR B 5 -8.89 20.44 6.86
CA THR B 5 -10.33 20.30 7.07
C THR B 5 -11.00 20.00 5.73
N GLN B 6 -11.78 18.92 5.71
CA GLN B 6 -12.50 18.50 4.51
C GLN B 6 -13.91 19.09 4.52
N SER B 7 -14.76 18.63 3.62
CA SER B 7 -16.15 19.06 3.59
C SER B 7 -16.88 18.51 4.81
N PRO B 8 -17.50 19.36 5.64
CA PRO B 8 -18.18 18.87 6.85
C PRO B 8 -19.58 18.34 6.61
N SER B 9 -19.98 18.09 5.36
CA SER B 9 -21.33 17.60 5.08
C SER B 9 -21.24 16.51 4.01
N PRO B 10 -21.86 15.35 4.24
CA PRO B 10 -21.87 14.31 3.21
C PRO B 10 -22.61 14.75 1.97
N LEU B 11 -22.06 14.40 0.81
CA LEU B 11 -22.63 14.75 -0.48
C LEU B 11 -23.45 13.58 -1.00
N SER B 12 -24.77 13.72 -0.97
CA SER B 12 -25.66 12.68 -1.50
C SER B 12 -25.56 12.66 -3.02
N ALA B 13 -24.96 11.61 -3.56
CA ALA B 13 -24.74 11.52 -5.00
C ALA B 13 -26.03 11.16 -5.71
N SER B 14 -26.54 12.09 -6.52
CA SER B 14 -27.70 11.84 -7.36
C SER B 14 -27.24 11.18 -8.67
N VAL B 15 -28.14 11.12 -9.65
CA VAL B 15 -27.78 10.58 -10.96
C VAL B 15 -26.68 11.40 -11.63
N GLY B 16 -26.49 12.64 -11.20
CA GLY B 16 -25.41 13.46 -11.72
C GLY B 16 -24.06 13.02 -11.20
N ASP B 17 -23.03 13.70 -11.70
CA ASP B 17 -21.64 13.40 -11.36
C ASP B 17 -20.86 14.68 -11.09
N ARG B 18 -21.48 15.60 -10.36
CA ARG B 18 -20.87 16.89 -10.02
C ARG B 18 -20.61 16.92 -8.52
N VAL B 19 -19.38 16.57 -8.13
CA VAL B 19 -18.97 16.57 -6.73
C VAL B 19 -18.05 17.76 -6.50
N THR B 20 -18.02 18.24 -5.26
CA THR B 20 -17.21 19.37 -4.85
C THR B 20 -16.36 19.00 -3.65
N ILE B 21 -15.70 17.84 -3.73
CA ILE B 21 -14.87 17.36 -2.63
C ILE B 21 -13.66 18.28 -2.50
N THR B 22 -13.57 18.97 -1.36
CA THR B 22 -12.48 19.91 -1.10
C THR B 22 -11.62 19.39 0.06
N CYS B 23 -10.34 19.72 0.02
CA CYS B 23 -9.36 19.32 1.02
C CYS B 23 -8.48 20.50 1.42
N ARG B 24 -9.12 21.63 1.72
CA ARG B 24 -8.38 22.82 2.11
C ARG B 24 -7.56 22.56 3.37
N ALA B 25 -6.40 23.21 3.46
CA ALA B 25 -5.49 23.05 4.58
C ALA B 25 -5.15 24.42 5.15
N SER B 26 -4.31 24.43 6.19
CA SER B 26 -3.91 25.67 6.83
C SER B 26 -2.84 26.39 6.00
N GLN B 27 -1.68 25.74 5.82
CA GLN B 27 -0.62 26.31 5.00
C GLN B 27 -0.89 25.98 3.53
N THR B 28 0.08 26.27 2.67
CA THR B 28 -0.02 26.01 1.24
C THR B 28 0.96 24.92 0.84
N ILE B 29 0.51 24.02 -0.03
CA ILE B 29 1.32 22.90 -0.51
C ILE B 29 1.05 22.71 -1.99
N GLY B 30 2.11 22.56 -2.77
CA GLY B 30 1.97 22.38 -4.21
C GLY B 30 1.25 21.11 -4.57
N LYS B 31 1.88 19.95 -4.29
CA LYS B 31 1.25 18.66 -4.57
C LYS B 31 1.49 17.66 -3.44
N TYR B 32 1.76 18.13 -2.22
CA TYR B 32 2.00 17.25 -1.08
C TYR B 32 0.67 16.85 -0.42
N LEU B 33 -0.21 16.27 -1.23
CA LEU B 33 -1.54 15.88 -0.76
C LEU B 33 -2.11 14.85 -1.70
N ASN B 34 -2.73 13.81 -1.14
CA ASN B 34 -3.29 12.71 -1.91
C ASN B 34 -4.76 12.54 -1.54
N TRP B 35 -5.40 11.55 -2.17
CA TRP B 35 -6.80 11.23 -1.91
C TRP B 35 -6.96 9.71 -1.92
N TYR B 36 -7.73 9.20 -0.95
CA TYR B 36 -7.97 7.78 -0.80
C TYR B 36 -9.47 7.49 -0.88
N HIS B 37 -9.82 6.23 -0.69
CA HIS B 37 -11.21 5.79 -0.73
C HIS B 37 -11.35 4.54 0.11
N GLN B 38 -12.41 4.48 0.92
CA GLN B 38 -12.66 3.34 1.79
C GLN B 38 -14.16 3.06 1.80
N ILE B 39 -14.55 1.96 1.16
CA ILE B 39 -15.94 1.49 1.27
C ILE B 39 -16.17 0.97 2.69
N PRO B 40 -17.23 1.39 3.37
CA PRO B 40 -17.44 0.96 4.76
C PRO B 40 -17.56 -0.56 4.87
N GLY B 41 -16.60 -1.17 5.55
CA GLY B 41 -16.58 -2.62 5.70
C GLY B 41 -15.23 -3.22 5.38
N LYS B 42 -14.49 -2.59 4.48
CA LYS B 42 -13.18 -3.08 4.04
C LYS B 42 -12.11 -2.04 4.36
N ALA B 43 -10.87 -2.38 4.01
CA ALA B 43 -9.73 -1.51 4.24
C ALA B 43 -9.69 -0.40 3.19
N PRO B 44 -9.11 0.75 3.54
CA PRO B 44 -9.02 1.85 2.56
C PRO B 44 -8.10 1.49 1.40
N LYS B 45 -8.12 2.35 0.39
CA LYS B 45 -7.30 2.15 -0.80
C LYS B 45 -7.09 3.49 -1.48
N LEU B 46 -6.04 3.56 -2.31
CA LEU B 46 -5.74 4.78 -3.03
C LEU B 46 -6.74 4.99 -4.15
N LEU B 47 -7.26 6.21 -4.26
CA LEU B 47 -8.19 6.59 -5.32
C LEU B 47 -7.61 7.61 -6.28
N ILE B 48 -7.10 8.72 -5.75
CA ILE B 48 -6.56 9.80 -6.58
C ILE B 48 -5.18 10.18 -6.07
N SER B 49 -4.23 10.30 -6.99
CA SER B 49 -2.86 10.70 -6.65
C SER B 49 -2.79 12.21 -6.46
N ALA B 50 -1.57 12.77 -6.46
CA ALA B 50 -1.42 14.20 -6.22
C ALA B 50 -1.79 15.02 -7.44
N ALA B 51 -3.00 14.79 -7.96
CA ALA B 51 -3.66 15.56 -9.01
C ALA B 51 -2.99 15.47 -10.38
N SER B 52 -1.84 14.79 -10.49
CA SER B 52 -1.17 14.70 -11.77
C SER B 52 -0.53 13.35 -12.06
N THR B 53 -0.68 12.35 -11.19
CA THR B 53 -0.02 11.06 -11.37
C THR B 53 -0.97 9.93 -11.05
N LEU B 54 -2.21 10.01 -11.53
CA LEU B 54 -3.16 8.94 -11.32
C LEU B 54 -2.71 7.69 -12.07
N HIS B 55 -2.43 6.62 -11.33
CA HIS B 55 -1.92 5.39 -11.90
C HIS B 55 -3.04 4.36 -12.04
N SER B 56 -2.67 3.14 -12.41
CA SER B 56 -3.64 2.07 -12.63
C SER B 56 -4.30 1.66 -11.31
N GLY B 57 -5.24 0.74 -11.41
CA GLY B 57 -6.06 0.31 -10.29
C GLY B 57 -7.33 1.10 -10.15
N VAL B 58 -7.26 2.41 -10.37
CA VAL B 58 -8.42 3.30 -10.35
C VAL B 58 -8.73 3.67 -11.79
N PRO B 59 -10.00 3.64 -12.21
CA PRO B 59 -10.33 4.00 -13.59
C PRO B 59 -9.91 5.44 -13.90
N SER B 60 -9.62 5.68 -15.18
CA SER B 60 -9.17 7.00 -15.62
C SER B 60 -10.27 8.06 -15.57
N ARG B 61 -11.51 7.66 -15.31
CA ARG B 61 -12.59 8.64 -15.21
C ARG B 61 -12.39 9.55 -14.01
N PHE B 62 -11.89 9.00 -12.90
CA PHE B 62 -11.64 9.79 -11.70
C PHE B 62 -10.48 10.75 -11.95
N SER B 63 -10.80 12.04 -12.03
CA SER B 63 -9.80 13.06 -12.28
C SER B 63 -9.40 13.73 -10.97
N GLY B 64 -8.45 14.67 -11.05
CA GLY B 64 -7.98 15.37 -9.87
C GLY B 64 -7.22 16.64 -10.18
N ARG B 65 -7.50 17.71 -9.42
CA ARG B 65 -6.80 18.98 -9.58
C ARG B 65 -6.43 19.49 -8.19
N GLY B 66 -5.45 20.39 -8.17
CA GLY B 66 -5.01 20.98 -6.91
C GLY B 66 -3.76 21.83 -7.03
N SER B 67 -3.76 22.96 -6.32
CA SER B 67 -2.61 23.87 -6.31
C SER B 67 -2.81 24.87 -5.18
N GLY B 68 -1.71 25.21 -4.51
CA GLY B 68 -1.75 26.19 -3.45
C GLY B 68 -2.30 25.62 -2.16
N THR B 69 -3.52 26.01 -1.79
CA THR B 69 -4.16 25.52 -0.59
C THR B 69 -5.61 25.07 -0.79
N ASP B 70 -6.18 25.29 -1.97
CA ASP B 70 -7.56 24.91 -2.26
C ASP B 70 -7.53 23.76 -3.26
N PHE B 71 -7.93 22.57 -2.81
CA PHE B 71 -7.92 21.37 -3.63
C PHE B 71 -9.34 21.00 -4.02
N THR B 72 -9.51 20.54 -5.25
CA THR B 72 -10.81 20.12 -5.77
C THR B 72 -10.68 18.74 -6.40
N LEU B 73 -11.65 17.89 -6.12
CA LEU B 73 -11.65 16.50 -6.60
C LEU B 73 -12.78 16.36 -7.62
N THR B 74 -12.43 16.50 -8.90
CA THR B 74 -13.39 16.39 -9.99
C THR B 74 -13.51 14.92 -10.40
N ILE B 75 -14.74 14.42 -10.39
CA ILE B 75 -15.03 13.02 -10.71
C ILE B 75 -15.96 12.98 -11.92
N SER B 76 -15.71 12.02 -12.80
CA SER B 76 -16.52 11.83 -14.00
C SER B 76 -17.80 11.07 -13.63
N SER B 77 -18.50 10.56 -14.64
CA SER B 77 -19.74 9.82 -14.45
C SER B 77 -19.61 8.77 -13.35
N LEU B 78 -20.45 8.90 -12.33
CA LEU B 78 -20.36 8.04 -11.17
C LEU B 78 -20.86 6.62 -11.49
N GLN B 79 -20.26 5.64 -10.83
CA GLN B 79 -20.64 4.25 -10.94
C GLN B 79 -21.17 3.75 -9.61
N PRO B 80 -22.11 2.80 -9.61
CA PRO B 80 -22.65 2.30 -8.34
C PRO B 80 -21.62 1.56 -7.51
N GLU B 81 -20.56 1.03 -8.11
CA GLU B 81 -19.51 0.32 -7.39
C GLU B 81 -18.40 1.23 -6.91
N ASP B 82 -18.60 2.55 -6.98
CA ASP B 82 -17.59 3.53 -6.58
C ASP B 82 -18.15 4.47 -5.52
N PHE B 83 -18.84 3.93 -4.53
CA PHE B 83 -19.40 4.70 -3.43
C PHE B 83 -18.63 4.42 -2.15
N GLY B 84 -18.75 5.34 -1.21
CA GLY B 84 -18.09 5.21 0.08
C GLY B 84 -17.53 6.54 0.52
N THR B 85 -16.57 6.48 1.46
CA THR B 85 -15.96 7.67 2.02
C THR B 85 -14.59 7.90 1.37
N TYR B 86 -14.32 9.14 0.97
CA TYR B 86 -13.06 9.52 0.35
C TYR B 86 -12.29 10.40 1.32
N TYR B 87 -11.08 9.97 1.69
CA TYR B 87 -10.22 10.70 2.59
C TYR B 87 -9.07 11.34 1.83
N CYS B 88 -8.53 12.42 2.40
CA CYS B 88 -7.35 13.08 1.85
C CYS B 88 -6.32 13.27 2.96
N GLN B 89 -5.05 13.18 2.59
CA GLN B 89 -3.95 13.26 3.53
C GLN B 89 -2.90 14.24 3.02
N GLN B 90 -2.30 14.99 3.94
CA GLN B 90 -1.21 15.88 3.60
C GLN B 90 0.12 15.13 3.64
N SER B 91 1.05 15.56 2.77
CA SER B 91 2.35 14.93 2.66
C SER B 91 3.49 15.86 3.05
N TYR B 92 3.17 16.97 3.74
CA TYR B 92 4.20 17.92 4.15
C TYR B 92 4.90 17.44 5.42
N SER B 93 4.15 17.34 6.51
CA SER B 93 4.70 16.82 7.77
C SER B 93 5.01 15.34 7.59
N SER B 94 6.30 15.00 7.49
CA SER B 94 6.67 13.64 7.14
C SER B 94 6.49 12.67 8.30
N PRO B 95 7.01 12.94 9.51
CA PRO B 95 6.76 12.01 10.62
C PRO B 95 5.29 11.95 10.99
N PRO B 96 4.59 13.09 11.22
CA PRO B 96 3.16 12.93 11.57
C PRO B 96 2.26 12.73 10.35
N TRP B 97 2.16 11.49 9.90
CA TRP B 97 1.28 11.14 8.79
C TRP B 97 -0.16 11.18 9.27
N THR B 98 -0.72 12.39 9.28
CA THR B 98 -2.09 12.61 9.72
C THR B 98 -3.02 12.69 8.52
N PHE B 99 -4.08 11.89 8.53
CA PHE B 99 -5.05 11.86 7.45
C PHE B 99 -6.11 12.93 7.69
N GLY B 100 -7.16 12.92 6.89
CA GLY B 100 -8.25 13.87 7.04
C GLY B 100 -9.33 13.39 7.98
N GLN B 101 -10.59 13.73 7.68
CA GLN B 101 -11.73 13.33 8.48
C GLN B 101 -12.64 12.36 7.75
N GLY B 102 -13.12 12.72 6.55
CA GLY B 102 -13.96 11.82 5.78
C GLY B 102 -15.15 12.49 5.15
N THR B 103 -15.43 12.16 3.89
CA THR B 103 -16.58 12.69 3.17
C THR B 103 -17.37 11.51 2.61
N LYS B 104 -18.56 11.28 3.16
CA LYS B 104 -19.37 10.14 2.76
C LYS B 104 -20.16 10.46 1.50
N VAL B 105 -20.26 9.46 0.61
CA VAL B 105 -21.00 9.59 -0.64
C VAL B 105 -22.08 8.53 -0.66
N GLU B 106 -23.33 8.96 -0.57
CA GLU B 106 -24.48 8.07 -0.53
C GLU B 106 -25.29 8.19 -1.82
N ILE B 107 -26.41 7.47 -1.87
CA ILE B 107 -27.28 7.44 -3.04
C ILE B 107 -28.51 8.31 -2.77
N LYS B 108 -28.97 9.01 -3.79
CA LYS B 108 -30.13 9.89 -3.70
C LYS B 108 -31.31 9.25 -4.41
N ARG B 109 -32.43 9.13 -3.69
CA ARG B 109 -33.65 8.55 -4.23
C ARG B 109 -34.83 9.38 -3.73
N THR B 110 -36.04 8.85 -3.91
CA THR B 110 -37.24 9.56 -3.49
C THR B 110 -37.35 9.59 -1.97
N VAL B 111 -38.00 10.63 -1.47
CA VAL B 111 -38.16 10.80 -0.03
C VAL B 111 -39.19 9.81 0.49
N ALA B 112 -38.86 9.14 1.60
CA ALA B 112 -39.72 8.15 2.21
C ALA B 112 -40.18 8.62 3.58
N ALA B 113 -41.34 8.13 4.01
CA ALA B 113 -41.90 8.48 5.31
C ALA B 113 -41.53 7.41 6.32
N PRO B 114 -40.92 7.77 7.44
CA PRO B 114 -40.52 6.75 8.43
C PRO B 114 -41.73 6.19 9.17
N SER B 115 -41.82 4.88 9.25
CA SER B 115 -42.87 4.20 9.99
C SER B 115 -42.46 4.13 11.45
N VAL B 116 -42.99 5.03 12.27
CA VAL B 116 -42.60 5.11 13.67
C VAL B 116 -43.37 4.07 14.47
N PHE B 117 -42.63 3.23 15.19
CA PHE B 117 -43.23 2.22 16.05
C PHE B 117 -42.33 2.04 17.28
N ILE B 118 -42.84 2.40 18.44
CA ILE B 118 -42.14 2.25 19.70
C ILE B 118 -42.67 1.01 20.40
N PHE B 119 -41.76 0.19 20.94
CA PHE B 119 -42.15 -1.06 21.53
C PHE B 119 -41.87 -1.07 23.03
N PRO B 120 -42.75 -1.64 23.84
CA PRO B 120 -42.52 -1.68 25.29
C PRO B 120 -41.39 -2.63 25.63
N PRO B 121 -40.82 -2.51 26.84
CA PRO B 121 -39.73 -3.42 27.21
C PRO B 121 -40.20 -4.87 27.32
N SER B 122 -39.25 -5.78 27.20
CA SER B 122 -39.55 -7.20 27.23
C SER B 122 -39.99 -7.63 28.62
N ASP B 123 -40.66 -8.79 28.68
CA ASP B 123 -41.19 -9.28 29.94
C ASP B 123 -40.10 -9.91 30.80
N GLU B 124 -39.17 -10.64 30.19
CA GLU B 124 -38.14 -11.31 30.96
C GLU B 124 -37.10 -10.34 31.51
N GLN B 125 -36.99 -9.14 30.93
CA GLN B 125 -36.04 -8.17 31.45
C GLN B 125 -36.46 -7.62 32.80
N LEU B 126 -37.77 -7.60 33.08
CA LEU B 126 -38.26 -7.11 34.36
C LEU B 126 -37.83 -7.99 35.52
N LYS B 127 -37.51 -9.25 35.27
CA LYS B 127 -37.05 -10.13 36.34
C LYS B 127 -35.64 -9.82 36.78
N SER B 128 -34.87 -9.08 35.98
CA SER B 128 -33.50 -8.73 36.32
C SER B 128 -33.37 -7.36 36.99
N GLY B 129 -34.36 -6.49 36.84
CA GLY B 129 -34.33 -5.17 37.43
C GLY B 129 -34.01 -4.03 36.49
N THR B 130 -33.93 -4.28 35.19
CA THR B 130 -33.64 -3.26 34.20
C THR B 130 -34.81 -3.11 33.24
N ALA B 131 -34.78 -2.04 32.46
CA ALA B 131 -35.83 -1.76 31.48
C ALA B 131 -35.22 -1.08 30.27
N SER B 132 -35.63 -1.52 29.09
CA SER B 132 -35.14 -0.98 27.82
C SER B 132 -36.32 -0.51 27.00
N VAL B 133 -36.34 0.79 26.69
CA VAL B 133 -37.39 1.40 25.89
C VAL B 133 -36.84 1.57 24.47
N VAL B 134 -37.33 0.77 23.54
CA VAL B 134 -36.85 0.76 22.16
C VAL B 134 -37.92 1.38 21.27
N CYS B 135 -37.51 2.35 20.45
CA CYS B 135 -38.38 2.99 19.47
C CYS B 135 -37.80 2.74 18.10
N LEU B 136 -38.56 2.09 17.23
CA LEU B 136 -38.07 1.68 15.92
C LEU B 136 -38.43 2.72 14.86
N LEU B 137 -37.46 3.00 13.99
CA LEU B 137 -37.62 3.95 12.89
C LEU B 137 -37.05 3.31 11.63
N ASN B 138 -37.92 2.80 10.76
CA ASN B 138 -37.50 2.11 9.55
C ASN B 138 -38.16 2.75 8.34
N ASN B 139 -37.61 2.42 7.16
CA ASN B 139 -38.16 2.82 5.87
C ASN B 139 -38.23 4.35 5.73
N PHE B 140 -37.06 4.97 5.74
CA PHE B 140 -36.96 6.41 5.52
C PHE B 140 -35.68 6.70 4.76
N TYR B 141 -35.79 7.53 3.72
CA TYR B 141 -34.65 7.91 2.88
C TYR B 141 -33.79 8.99 3.55
N PRO B 142 -34.35 10.14 3.99
CA PRO B 142 -33.50 11.19 4.56
C PRO B 142 -32.83 10.76 5.87
N ARG B 143 -31.51 10.65 5.85
CA ARG B 143 -30.73 10.25 7.02
C ARG B 143 -30.32 11.49 7.83
N GLU B 144 -31.33 12.26 8.25
CA GLU B 144 -31.09 13.45 9.03
C GLU B 144 -32.04 13.60 10.21
N ALA B 145 -32.99 12.69 10.39
CA ALA B 145 -33.94 12.79 11.48
C ALA B 145 -33.27 12.43 12.82
N LYS B 146 -33.74 13.08 13.88
CA LYS B 146 -33.27 12.82 15.23
C LYS B 146 -34.45 12.48 16.12
N VAL B 147 -34.21 11.59 17.07
CA VAL B 147 -35.26 11.07 17.96
C VAL B 147 -35.22 11.86 19.26
N GLN B 148 -36.40 12.29 19.71
CA GLN B 148 -36.56 12.98 20.98
C GLN B 148 -37.35 12.10 21.93
N TRP B 149 -36.87 11.97 23.17
CA TRP B 149 -37.50 11.13 24.18
C TRP B 149 -38.19 12.02 25.21
N LYS B 150 -39.49 11.79 25.40
CA LYS B 150 -40.27 12.51 26.40
C LYS B 150 -41.11 11.51 27.18
N VAL B 151 -40.98 11.55 28.51
CA VAL B 151 -41.71 10.65 29.40
C VAL B 151 -42.47 11.51 30.40
N ASP B 152 -43.81 11.46 30.34
CA ASP B 152 -44.68 12.22 31.22
C ASP B 152 -44.37 13.73 31.14
N ASN B 153 -44.34 14.24 29.92
CA ASN B 153 -44.12 15.67 29.64
C ASN B 153 -42.79 16.15 30.22
N ALA B 154 -41.79 15.27 30.27
CA ALA B 154 -40.47 15.61 30.76
C ALA B 154 -39.44 15.25 29.70
N LEU B 155 -38.54 16.19 29.41
CA LEU B 155 -37.52 15.97 28.40
C LEU B 155 -36.51 14.92 28.88
N GLN B 156 -36.34 13.87 28.09
CA GLN B 156 -35.43 12.78 28.43
C GLN B 156 -34.34 12.72 27.36
N SER B 157 -33.09 12.83 27.79
CA SER B 157 -31.96 12.80 26.86
C SER B 157 -30.71 12.44 27.63
N GLY B 158 -29.68 12.04 26.88
CA GLY B 158 -28.39 11.68 27.45
C GLY B 158 -28.22 10.20 27.75
N ASN B 159 -29.31 9.46 27.93
CA ASN B 159 -29.25 8.04 28.23
C ASN B 159 -29.82 7.19 27.10
N SER B 160 -29.80 7.70 25.88
CA SER B 160 -30.33 7.01 24.71
C SER B 160 -29.21 6.80 23.69
N GLN B 161 -29.21 5.63 23.06
CA GLN B 161 -28.25 5.28 22.04
C GLN B 161 -28.99 4.90 20.76
N GLU B 162 -28.52 5.42 19.63
CA GLU B 162 -29.15 5.20 18.34
C GLU B 162 -28.22 4.41 17.43
N SER B 163 -28.80 3.53 16.63
CA SER B 163 -28.05 2.70 15.68
C SER B 163 -28.74 2.79 14.32
N VAL B 164 -28.00 3.24 13.32
CA VAL B 164 -28.52 3.43 11.97
C VAL B 164 -27.80 2.46 11.03
N THR B 165 -28.57 1.79 10.20
CA THR B 165 -28.02 0.85 9.23
C THR B 165 -27.60 1.57 7.95
N GLU B 166 -26.80 0.88 7.15
CA GLU B 166 -26.39 1.42 5.86
C GLU B 166 -27.56 1.44 4.89
N GLN B 167 -27.39 2.22 3.82
CA GLN B 167 -28.43 2.34 2.81
C GLN B 167 -28.59 1.03 2.06
N ASP B 168 -29.79 0.47 2.08
CA ASP B 168 -30.06 -0.81 1.43
C ASP B 168 -29.99 -0.65 -0.09
N SER B 169 -29.87 -1.79 -0.77
CA SER B 169 -29.83 -1.82 -2.22
C SER B 169 -31.18 -2.14 -2.85
N LYS B 170 -32.19 -2.46 -2.05
CA LYS B 170 -33.51 -2.78 -2.58
C LYS B 170 -34.42 -1.56 -2.65
N ASP B 171 -34.59 -0.86 -1.53
CA ASP B 171 -35.43 0.33 -1.48
C ASP B 171 -34.63 1.60 -1.23
N SER B 172 -33.32 1.50 -1.00
CA SER B 172 -32.44 2.64 -0.82
C SER B 172 -32.89 3.53 0.34
N THR B 173 -33.40 2.89 1.40
CA THR B 173 -33.85 3.59 2.59
C THR B 173 -32.95 3.23 3.77
N TYR B 174 -33.12 3.97 4.85
CA TYR B 174 -32.37 3.75 6.09
C TYR B 174 -33.29 3.25 7.18
N SER B 175 -32.68 2.73 8.25
CA SER B 175 -33.42 2.24 9.41
C SER B 175 -32.66 2.64 10.67
N LEU B 176 -33.40 3.18 11.63
CA LEU B 176 -32.82 3.67 12.88
C LEU B 176 -33.43 2.92 14.05
N SER B 177 -32.59 2.64 15.06
CA SER B 177 -33.01 1.96 16.28
C SER B 177 -32.54 2.77 17.47
N SER B 178 -33.44 3.55 18.06
CA SER B 178 -33.15 4.36 19.23
C SER B 178 -33.65 3.64 20.47
N THR B 179 -32.73 3.35 21.39
CA THR B 179 -33.04 2.63 22.62
C THR B 179 -32.76 3.52 23.81
N LEU B 180 -33.75 3.65 24.69
CA LEU B 180 -33.62 4.44 25.92
C LEU B 180 -33.63 3.46 27.09
N THR B 181 -32.49 3.36 27.79
CA THR B 181 -32.36 2.45 28.91
C THR B 181 -32.69 3.19 30.20
N LEU B 182 -33.66 2.67 30.95
CA LEU B 182 -34.09 3.26 32.20
C LEU B 182 -34.10 2.20 33.29
N SER B 183 -34.08 2.67 34.54
CA SER B 183 -34.09 1.77 35.68
C SER B 183 -35.50 1.24 35.93
N LYS B 184 -35.60 0.27 36.84
CA LYS B 184 -36.89 -0.32 37.16
C LYS B 184 -37.77 0.66 37.94
N ALA B 185 -37.18 1.41 38.88
CA ALA B 185 -37.95 2.36 39.67
C ALA B 185 -38.46 3.50 38.80
N ASP B 186 -37.59 4.03 37.92
CA ASP B 186 -38.02 5.11 37.04
C ASP B 186 -39.05 4.63 36.02
N TYR B 187 -39.02 3.34 35.68
CA TYR B 187 -40.02 2.80 34.76
C TYR B 187 -41.37 2.62 35.45
N GLU B 188 -41.37 2.07 36.67
CA GLU B 188 -42.61 1.88 37.41
C GLU B 188 -43.19 3.19 37.92
N LYS B 189 -42.37 4.24 38.04
CA LYS B 189 -42.87 5.52 38.52
C LYS B 189 -43.72 6.21 37.47
N HIS B 190 -43.33 6.11 36.20
CA HIS B 190 -44.04 6.74 35.11
C HIS B 190 -44.97 5.75 34.43
N LYS B 191 -45.88 6.28 33.63
CA LYS B 191 -46.86 5.47 32.91
C LYS B 191 -46.86 5.72 31.41
N VAL B 192 -46.63 6.96 30.98
CA VAL B 192 -46.67 7.32 29.58
C VAL B 192 -45.24 7.41 29.06
N TYR B 193 -44.99 6.81 27.90
CA TYR B 193 -43.67 6.81 27.27
C TYR B 193 -43.84 7.19 25.81
N ALA B 194 -43.49 8.43 25.47
CA ALA B 194 -43.66 8.96 24.13
C ALA B 194 -42.33 9.00 23.39
N CYS B 195 -42.38 8.68 22.09
CA CYS B 195 -41.20 8.70 21.22
C CYS B 195 -41.42 9.78 20.17
N GLU B 196 -40.88 10.97 20.43
CA GLU B 196 -41.05 12.10 19.53
C GLU B 196 -40.07 11.97 18.36
N VAL B 197 -40.62 11.91 17.15
CA VAL B 197 -39.82 11.75 15.93
C VAL B 197 -40.03 12.99 15.07
N THR B 198 -38.93 13.67 14.74
CA THR B 198 -38.94 14.82 13.87
C THR B 198 -38.20 14.47 12.59
N HIS B 199 -38.91 14.48 11.47
CA HIS B 199 -38.36 14.10 10.18
C HIS B 199 -38.65 15.18 9.15
N GLN B 200 -37.73 15.33 8.20
CA GLN B 200 -37.88 16.36 7.17
C GLN B 200 -38.98 16.00 6.19
N GLY B 201 -39.05 14.72 5.78
CA GLY B 201 -40.05 14.29 4.84
C GLY B 201 -41.46 14.19 5.38
N LEU B 202 -41.67 14.49 6.67
CA LEU B 202 -42.99 14.44 7.28
C LEU B 202 -43.52 15.85 7.46
N SER B 203 -44.78 16.06 7.09
CA SER B 203 -45.39 17.38 7.22
C SER B 203 -45.64 17.74 8.68
N SER B 204 -45.79 16.74 9.55
CA SER B 204 -46.04 16.97 10.97
C SER B 204 -45.21 15.98 11.78
N PRO B 205 -44.66 16.41 12.92
CA PRO B 205 -43.88 15.48 13.75
C PRO B 205 -44.76 14.37 14.32
N VAL B 206 -44.46 13.14 13.93
CA VAL B 206 -45.20 11.98 14.40
C VAL B 206 -44.66 11.54 15.75
N THR B 207 -45.54 11.41 16.73
CA THR B 207 -45.18 10.99 18.08
C THR B 207 -46.05 9.82 18.50
N LYS B 208 -45.41 8.71 18.86
CA LYS B 208 -46.10 7.52 19.32
C LYS B 208 -45.85 7.33 20.82
N SER B 209 -46.87 6.83 21.52
CA SER B 209 -46.76 6.65 22.97
C SER B 209 -47.60 5.44 23.37
N PHE B 210 -47.31 4.92 24.56
CA PHE B 210 -48.05 3.80 25.12
C PHE B 210 -48.14 3.97 26.63
N ASN B 211 -49.10 3.27 27.23
CA ASN B 211 -49.35 3.34 28.66
C ASN B 211 -49.05 2.00 29.31
N ARG B 212 -48.52 2.05 30.52
CA ARG B 212 -48.17 0.84 31.26
C ARG B 212 -49.40 0.28 31.99
N HIS C 33 8.48 -29.97 -34.16
CA HIS C 33 9.73 -29.29 -33.85
C HIS C 33 9.46 -27.89 -33.29
N THR C 34 8.38 -27.78 -32.53
CA THR C 34 7.98 -26.50 -31.95
C THR C 34 7.34 -26.77 -30.59
N SER C 35 7.75 -26.01 -29.58
CA SER C 35 7.21 -26.16 -28.23
C SER C 35 5.80 -25.60 -28.18
N SER C 36 4.81 -26.47 -28.34
CA SER C 36 3.40 -26.07 -28.35
C SER C 36 2.92 -25.98 -26.91
N MET C 37 3.13 -24.82 -26.29
CA MET C 37 2.68 -24.53 -24.93
C MET C 37 3.25 -25.55 -23.94
N ARG C 38 4.56 -25.77 -24.03
CA ARG C 38 5.26 -26.73 -23.18
C ARG C 38 6.26 -26.01 -22.30
N GLY C 39 6.40 -26.48 -21.06
CA GLY C 39 7.37 -25.92 -20.15
C GLY C 39 6.80 -24.96 -19.12
N VAL C 40 5.65 -25.32 -18.53
CA VAL C 40 5.01 -24.51 -17.51
C VAL C 40 5.31 -25.14 -16.15
N TYR C 41 5.98 -24.39 -15.28
CA TYR C 41 6.33 -24.87 -13.95
C TYR C 41 5.82 -23.87 -12.90
N TYR C 42 5.70 -24.36 -11.68
CA TYR C 42 5.23 -23.51 -10.59
C TYR C 42 6.30 -22.51 -10.19
N PRO C 43 5.97 -21.24 -10.01
CA PRO C 43 7.01 -20.27 -9.62
C PRO C 43 7.45 -20.42 -8.18
N ASP C 44 6.60 -20.95 -7.30
CA ASP C 44 6.94 -21.12 -5.90
C ASP C 44 6.22 -22.35 -5.37
N GLU C 45 6.29 -22.55 -4.05
CA GLU C 45 5.66 -23.68 -3.40
C GLU C 45 4.51 -23.27 -2.49
N ILE C 46 4.12 -22.00 -2.49
CA ILE C 46 3.03 -21.52 -1.65
C ILE C 46 1.71 -21.84 -2.32
N PHE C 47 0.79 -22.43 -1.56
CA PHE C 47 -0.52 -22.78 -2.11
C PHE C 47 -1.37 -21.53 -2.26
N ARG C 48 -2.06 -21.43 -3.39
CA ARG C 48 -2.89 -20.28 -3.70
C ARG C 48 -4.29 -20.75 -4.12
N SER C 49 -5.29 -19.96 -3.76
CA SER C 49 -6.67 -20.26 -4.11
C SER C 49 -6.94 -19.82 -5.55
N ASP C 50 -8.21 -19.81 -5.94
CA ASP C 50 -8.59 -19.43 -7.29
C ASP C 50 -8.31 -17.94 -7.50
N THR C 51 -7.29 -17.64 -8.29
CA THR C 51 -6.90 -16.26 -8.56
C THR C 51 -6.14 -16.22 -9.88
N LEU C 52 -5.71 -15.03 -10.26
CA LEU C 52 -4.97 -14.81 -11.51
C LEU C 52 -3.64 -14.14 -11.15
N TYR C 53 -2.61 -14.95 -10.93
CA TYR C 53 -1.30 -14.45 -10.57
C TYR C 53 -0.47 -14.18 -11.82
N LEU C 54 0.38 -13.17 -11.74
CA LEU C 54 1.26 -12.76 -12.83
C LEU C 54 2.68 -13.19 -12.48
N THR C 55 3.22 -14.12 -13.27
CA THR C 55 4.55 -14.66 -13.04
C THR C 55 5.56 -13.93 -13.92
N GLN C 56 6.73 -13.63 -13.34
CA GLN C 56 7.80 -12.93 -14.04
C GLN C 56 9.03 -13.78 -14.28
N ASP C 57 9.34 -14.71 -13.39
CA ASP C 57 10.54 -15.54 -13.52
C ASP C 57 10.34 -16.75 -14.42
N LEU C 58 9.10 -17.00 -14.87
CA LEU C 58 8.84 -18.14 -15.74
C LEU C 58 9.50 -17.94 -17.10
N PHE C 59 9.97 -19.04 -17.67
CA PHE C 59 10.75 -19.03 -18.90
C PHE C 59 10.09 -19.94 -19.94
N LEU C 60 10.83 -20.22 -21.01
CA LEU C 60 10.38 -21.08 -22.12
C LEU C 60 9.13 -20.52 -22.76
N PRO C 61 9.22 -19.43 -23.50
CA PRO C 61 8.03 -18.88 -24.16
C PRO C 61 7.40 -19.89 -25.11
N PHE C 62 6.09 -19.75 -25.30
CA PHE C 62 5.35 -20.69 -26.12
C PHE C 62 5.68 -20.49 -27.60
N TYR C 63 5.67 -21.60 -28.35
CA TYR C 63 5.95 -21.60 -29.78
C TYR C 63 7.33 -21.01 -30.07
N SER C 64 8.33 -21.50 -29.34
CA SER C 64 9.70 -21.06 -29.50
C SER C 64 10.50 -22.08 -30.31
N ASN C 65 11.56 -21.59 -30.95
CA ASN C 65 12.42 -22.43 -31.77
C ASN C 65 13.23 -23.36 -30.87
N VAL C 66 12.88 -24.65 -30.89
CA VAL C 66 13.58 -25.66 -30.08
C VAL C 66 14.61 -26.35 -30.96
N THR C 67 15.82 -26.48 -30.44
CA THR C 67 16.91 -27.11 -31.19
C THR C 67 16.99 -28.59 -30.82
N GLY C 68 15.99 -29.34 -31.27
CA GLY C 68 15.94 -30.77 -31.02
C GLY C 68 16.89 -31.51 -31.93
N PHE C 69 17.77 -32.32 -31.34
CA PHE C 69 18.76 -33.10 -32.08
C PHE C 69 18.21 -34.51 -32.25
N HIS C 70 17.65 -34.78 -33.43
CA HIS C 70 17.07 -36.09 -33.74
C HIS C 70 18.15 -37.03 -34.28
N THR C 71 19.12 -37.32 -33.42
CA THR C 71 20.23 -38.19 -33.80
C THR C 71 19.81 -39.66 -33.81
N GLY C 77 34.38 -34.82 -28.02
CA GLY C 77 33.75 -34.16 -29.14
C GLY C 77 32.69 -35.00 -29.83
N ASN C 78 32.36 -36.14 -29.22
CA ASN C 78 31.35 -37.02 -29.80
C ASN C 78 29.94 -36.44 -29.72
N PRO C 79 29.48 -35.92 -28.55
CA PRO C 79 28.12 -35.35 -28.53
C PRO C 79 28.00 -34.04 -29.29
N VAL C 80 26.81 -33.44 -29.25
CA VAL C 80 26.53 -32.20 -29.98
C VAL C 80 26.24 -31.10 -28.95
N ILE C 81 26.92 -31.18 -27.81
CA ILE C 81 26.70 -30.31 -26.65
C ILE C 81 26.62 -28.85 -27.05
N PRO C 82 25.44 -28.22 -26.94
CA PRO C 82 25.35 -26.79 -27.24
C PRO C 82 25.52 -25.94 -25.98
N PHE C 83 25.48 -24.61 -26.14
CA PHE C 83 25.47 -23.73 -24.99
C PHE C 83 24.16 -23.91 -24.22
N LYS C 84 24.21 -23.65 -22.91
CA LYS C 84 23.04 -23.91 -22.08
C LYS C 84 22.02 -22.76 -22.19
N ASP C 85 22.38 -21.58 -21.71
CA ASP C 85 21.53 -20.38 -21.77
C ASP C 85 20.12 -20.66 -21.29
N GLY C 86 19.94 -21.67 -20.45
CA GLY C 86 18.63 -22.16 -20.10
C GLY C 86 18.16 -23.18 -21.12
N ILE C 87 17.81 -24.39 -20.68
CA ILE C 87 17.49 -25.48 -21.57
C ILE C 87 16.15 -26.08 -21.19
N TYR C 88 15.71 -27.04 -22.01
CA TYR C 88 14.45 -27.76 -21.81
C TYR C 88 14.67 -29.21 -22.23
N PHE C 89 14.83 -30.10 -21.26
CA PHE C 89 15.13 -31.50 -21.52
C PHE C 89 13.84 -32.26 -21.79
N ALA C 90 13.86 -33.09 -22.83
CA ALA C 90 12.70 -33.89 -23.19
C ALA C 90 13.17 -35.13 -23.93
N ALA C 91 12.74 -36.31 -23.46
CA ALA C 91 13.12 -37.58 -24.03
C ALA C 91 11.87 -38.27 -24.60
N THR C 92 11.87 -38.51 -25.91
CA THR C 92 10.76 -39.15 -26.60
C THR C 92 11.12 -40.56 -27.05
N GLU C 93 12.05 -41.22 -26.37
CA GLU C 93 12.48 -42.56 -26.70
C GLU C 93 12.24 -43.49 -25.51
N LYS C 94 11.80 -44.71 -25.81
CA LYS C 94 11.53 -45.70 -24.78
C LYS C 94 12.82 -46.40 -24.38
N SER C 95 12.71 -47.41 -23.52
CA SER C 95 13.82 -48.23 -23.03
C SER C 95 14.86 -47.41 -22.27
N ASN C 96 14.56 -46.15 -21.95
CA ASN C 96 15.46 -45.28 -21.19
C ASN C 96 16.83 -45.19 -21.85
N VAL C 97 16.84 -44.67 -23.08
CA VAL C 97 18.09 -44.53 -23.81
C VAL C 97 18.93 -43.39 -23.25
N VAL C 98 18.40 -42.18 -23.27
CA VAL C 98 19.08 -41.01 -22.73
C VAL C 98 18.69 -40.90 -21.25
N ARG C 99 19.56 -41.42 -20.38
CA ARG C 99 19.29 -41.45 -18.96
C ARG C 99 20.31 -40.68 -18.13
N GLY C 100 21.33 -40.12 -18.74
CA GLY C 100 22.36 -39.40 -18.01
C GLY C 100 22.68 -38.07 -18.65
N TRP C 101 22.86 -37.06 -17.80
CA TRP C 101 23.22 -35.72 -18.24
C TRP C 101 24.13 -35.11 -17.20
N VAL C 102 25.28 -34.59 -17.64
CA VAL C 102 26.31 -34.07 -16.75
C VAL C 102 26.43 -32.58 -17.00
N PHE C 103 25.90 -31.78 -16.08
CA PHE C 103 26.03 -30.34 -16.16
C PHE C 103 27.41 -29.90 -15.69
N GLY C 104 27.74 -28.63 -15.95
CA GLY C 104 29.03 -28.10 -15.55
C GLY C 104 29.54 -26.99 -16.45
N SER C 105 30.75 -27.16 -16.96
CA SER C 105 31.42 -26.15 -17.76
C SER C 105 32.27 -26.86 -18.81
N THR C 106 33.21 -26.12 -19.40
CA THR C 106 34.09 -26.68 -20.42
C THR C 106 34.78 -27.95 -19.92
N MET C 107 34.81 -28.97 -20.77
CA MET C 107 35.34 -30.27 -20.40
C MET C 107 36.87 -30.25 -20.45
N ASN C 108 37.47 -31.44 -20.40
CA ASN C 108 38.93 -31.62 -20.38
C ASN C 108 39.54 -31.05 -19.11
N ASN C 109 38.85 -31.23 -17.99
CA ASN C 109 39.35 -30.86 -16.66
C ASN C 109 39.71 -29.38 -16.60
N LYS C 110 38.69 -28.53 -16.78
CA LYS C 110 38.85 -27.09 -16.71
C LYS C 110 38.00 -26.43 -15.63
N SER C 111 36.90 -27.04 -15.21
CA SER C 111 36.05 -26.48 -14.18
C SER C 111 35.21 -27.60 -13.57
N GLN C 112 34.59 -27.29 -12.43
CA GLN C 112 33.76 -28.26 -11.74
C GLN C 112 32.52 -28.58 -12.57
N SER C 113 32.09 -29.84 -12.51
CA SER C 113 30.94 -30.30 -13.28
C SER C 113 30.11 -31.25 -12.44
N VAL C 114 28.80 -31.11 -12.52
CA VAL C 114 27.85 -31.93 -11.76
C VAL C 114 27.39 -33.09 -12.63
N ILE C 115 27.50 -34.30 -12.10
CA ILE C 115 27.14 -35.52 -12.82
C ILE C 115 25.79 -35.99 -12.30
N ILE C 116 24.80 -36.02 -13.18
CA ILE C 116 23.47 -36.53 -12.88
C ILE C 116 23.24 -37.74 -13.78
N ILE C 117 23.46 -38.93 -13.24
CA ILE C 117 23.37 -40.18 -14.00
C ILE C 117 22.34 -41.08 -13.33
N ASN C 118 21.49 -41.70 -14.16
CA ASN C 118 20.48 -42.65 -13.70
C ASN C 118 20.92 -44.03 -14.14
N ASN C 119 21.47 -44.81 -13.20
CA ASN C 119 21.98 -46.15 -13.49
C ASN C 119 21.39 -47.13 -12.48
N SER C 120 20.48 -47.99 -12.95
CA SER C 120 19.86 -49.02 -12.12
C SER C 120 19.15 -48.40 -10.91
N THR C 121 18.37 -47.35 -11.18
CA THR C 121 17.61 -46.63 -10.16
C THR C 121 18.50 -46.16 -9.01
N ASN C 122 19.74 -45.81 -9.33
CA ASN C 122 20.72 -45.31 -8.35
C ASN C 122 21.17 -43.94 -8.83
N VAL C 123 20.43 -42.90 -8.44
CA VAL C 123 20.73 -41.54 -8.86
C VAL C 123 21.78 -40.94 -7.92
N VAL C 124 23.05 -41.10 -8.29
CA VAL C 124 24.16 -40.54 -7.51
C VAL C 124 24.56 -39.23 -8.16
N ILE C 125 24.35 -38.12 -7.46
CA ILE C 125 24.65 -36.80 -7.98
C ILE C 125 26.04 -36.42 -7.50
N ARG C 126 27.04 -36.65 -8.33
CA ARG C 126 28.42 -36.28 -8.05
C ARG C 126 28.76 -34.98 -8.76
N ALA C 127 29.54 -34.13 -8.08
CA ALA C 127 29.92 -32.83 -8.62
C ALA C 127 31.40 -32.59 -8.42
N CYS C 128 32.21 -33.64 -8.59
CA CYS C 128 33.67 -33.49 -8.33
C CYS C 128 34.50 -34.21 -9.39
N ASN C 129 33.91 -35.19 -10.08
CA ASN C 129 34.67 -35.98 -11.09
C ASN C 129 35.00 -35.09 -12.29
N PHE C 130 36.18 -35.28 -12.89
CA PHE C 130 36.59 -34.47 -14.06
C PHE C 130 36.86 -35.39 -15.26
N GLU C 131 37.27 -34.81 -16.39
CA GLU C 131 37.50 -35.62 -17.62
C GLU C 131 38.86 -35.25 -18.22
N LEU C 132 39.95 -35.39 -17.44
CA LEU C 132 41.31 -35.11 -17.95
C LEU C 132 41.24 -34.05 -19.05
N HIS C 149 29.83 -42.82 -19.50
CA HIS C 149 29.77 -44.12 -18.83
C HIS C 149 31.00 -44.35 -17.97
N THR C 150 32.18 -44.06 -18.55
CA THR C 150 33.45 -44.21 -17.86
C THR C 150 34.11 -42.88 -17.55
N MET C 151 33.33 -41.80 -17.54
CA MET C 151 33.85 -40.46 -17.28
C MET C 151 33.87 -40.10 -15.81
N ILE C 152 33.88 -41.08 -14.92
CA ILE C 152 33.83 -40.83 -13.48
C ILE C 152 35.17 -41.11 -12.81
N PHE C 153 35.82 -42.22 -13.15
CA PHE C 153 37.09 -42.62 -12.53
C PHE C 153 38.30 -42.07 -13.27
N ASP C 154 38.16 -40.95 -13.98
CA ASP C 154 39.27 -40.40 -14.75
C ASP C 154 40.34 -39.82 -13.82
N ASN C 155 39.96 -38.81 -13.03
CA ASN C 155 40.90 -38.14 -12.13
C ASN C 155 40.31 -38.06 -10.74
N ALA C 156 41.18 -38.03 -9.73
CA ALA C 156 40.78 -37.95 -8.34
C ALA C 156 41.64 -36.93 -7.60
N PHE C 157 41.81 -35.75 -8.21
CA PHE C 157 42.60 -34.70 -7.58
C PHE C 157 41.97 -34.24 -6.29
N ASN C 158 40.76 -33.68 -6.36
CA ASN C 158 40.05 -33.20 -5.19
C ASN C 158 38.56 -33.44 -5.37
N CYS C 159 37.94 -34.11 -4.41
CA CYS C 159 36.52 -34.38 -4.44
C CYS C 159 35.87 -33.94 -3.13
N THR C 160 34.63 -33.48 -3.25
CA THR C 160 33.87 -33.02 -2.08
C THR C 160 32.39 -32.99 -2.44
N PHE C 161 31.57 -32.85 -1.41
CA PHE C 161 30.11 -32.75 -1.55
C PHE C 161 29.54 -33.98 -2.26
N GLU C 162 29.70 -35.14 -1.61
CA GLU C 162 29.17 -36.38 -2.14
C GLU C 162 27.69 -36.48 -1.81
N TYR C 163 26.84 -36.52 -2.85
CA TYR C 163 25.40 -36.58 -2.70
C TYR C 163 24.89 -37.88 -3.34
N ILE C 164 24.35 -38.77 -2.52
CA ILE C 164 23.81 -40.05 -2.97
C ILE C 164 22.32 -40.06 -2.70
N SER C 165 21.53 -40.38 -3.73
CA SER C 165 20.08 -40.48 -3.62
C SER C 165 19.66 -41.83 -4.19
N ASP C 166 19.48 -42.81 -3.31
CA ASP C 166 19.09 -44.15 -3.73
C ASP C 166 17.58 -44.32 -3.68
N ALA C 167 17.10 -45.35 -4.36
CA ALA C 167 15.66 -45.64 -4.41
C ALA C 167 15.42 -47.14 -4.39
N LYS C 180 4.79 -45.25 -25.43
CA LYS C 180 5.92 -44.32 -25.43
C LYS C 180 5.98 -43.52 -24.13
N HIS C 181 7.19 -43.13 -23.74
CA HIS C 181 7.42 -42.37 -22.51
C HIS C 181 8.04 -41.02 -22.86
N LEU C 182 7.53 -39.98 -22.22
CA LEU C 182 8.02 -38.62 -22.42
C LEU C 182 8.29 -37.98 -21.06
N ARG C 183 9.55 -37.68 -20.79
CA ARG C 183 9.97 -37.07 -19.53
C ARG C 183 10.53 -35.68 -19.83
N GLU C 184 9.85 -34.65 -19.34
CA GLU C 184 10.25 -33.26 -19.57
C GLU C 184 10.99 -32.73 -18.35
N PHE C 185 12.04 -31.95 -18.60
CA PHE C 185 12.83 -31.34 -17.54
C PHE C 185 13.24 -29.94 -17.96
N VAL C 186 13.10 -28.99 -17.04
CA VAL C 186 13.50 -27.60 -17.25
C VAL C 186 14.52 -27.25 -16.18
N PHE C 187 15.69 -26.78 -16.60
CA PHE C 187 16.79 -26.46 -15.70
C PHE C 187 16.99 -24.96 -15.67
N LYS C 188 17.09 -24.39 -14.47
CA LYS C 188 17.26 -22.96 -14.28
C LYS C 188 18.43 -22.71 -13.35
N ASN C 189 19.30 -21.78 -13.72
CA ASN C 189 20.45 -21.39 -12.91
C ASN C 189 20.39 -19.88 -12.70
N LYS C 190 20.00 -19.47 -11.50
CA LYS C 190 19.88 -18.06 -11.14
C LYS C 190 20.56 -17.82 -9.81
N ASP C 191 21.59 -16.96 -9.82
CA ASP C 191 22.36 -16.63 -8.62
C ASP C 191 22.98 -17.87 -7.97
N GLY C 192 23.32 -18.87 -8.78
CA GLY C 192 23.91 -20.09 -8.26
C GLY C 192 22.91 -21.00 -7.57
N PHE C 193 21.82 -21.31 -8.26
CA PHE C 193 20.78 -22.21 -7.72
C PHE C 193 20.22 -23.03 -8.87
N LEU C 194 20.39 -24.35 -8.79
CA LEU C 194 19.91 -25.27 -9.83
C LEU C 194 18.50 -25.71 -9.50
N TYR C 195 17.55 -25.33 -10.36
CA TYR C 195 16.15 -25.72 -10.19
C TYR C 195 15.82 -26.78 -11.24
N VAL C 196 15.44 -27.97 -10.76
CA VAL C 196 15.11 -29.10 -11.63
C VAL C 196 13.67 -29.48 -11.39
N TYR C 197 12.88 -29.55 -12.46
CA TYR C 197 11.48 -29.94 -12.39
C TYR C 197 11.26 -31.20 -13.21
N LYS C 198 10.19 -31.93 -12.87
CA LYS C 198 9.88 -33.21 -13.50
C LYS C 198 8.46 -33.19 -14.03
N GLY C 199 8.28 -33.74 -15.23
CA GLY C 199 6.97 -33.82 -15.85
C GLY C 199 6.85 -34.97 -16.82
N TYR C 200 5.71 -35.66 -16.80
CA TYR C 200 5.48 -36.82 -17.65
C TYR C 200 4.13 -36.69 -18.33
N GLN C 201 4.06 -37.14 -19.59
CA GLN C 201 2.82 -37.10 -20.35
C GLN C 201 2.79 -38.24 -21.37
N PRO C 202 1.81 -39.14 -21.27
CA PRO C 202 1.75 -40.26 -22.22
C PRO C 202 1.40 -39.77 -23.62
N ILE C 203 2.26 -40.08 -24.58
CA ILE C 203 2.06 -39.72 -25.97
C ILE C 203 2.02 -40.99 -26.81
N ASP C 204 1.57 -40.84 -28.05
CA ASP C 204 1.47 -41.97 -28.97
C ASP C 204 2.02 -41.69 -30.37
N VAL C 205 2.16 -40.43 -30.77
CA VAL C 205 2.65 -40.11 -32.10
C VAL C 205 4.17 -40.16 -32.12
N VAL C 206 4.73 -40.45 -33.29
CA VAL C 206 6.17 -40.55 -33.47
C VAL C 206 6.70 -39.50 -34.45
N ARG C 207 5.89 -38.48 -34.75
CA ARG C 207 6.30 -37.45 -35.69
C ARG C 207 7.19 -36.41 -35.03
N ASP C 208 6.66 -35.71 -34.03
CA ASP C 208 7.39 -34.66 -33.33
C ASP C 208 6.75 -34.47 -31.95
N LEU C 209 7.13 -33.39 -31.28
CA LEU C 209 6.59 -33.09 -29.96
C LEU C 209 5.12 -32.71 -30.05
N PRO C 210 4.22 -33.45 -29.42
CA PRO C 210 2.79 -33.09 -29.45
C PRO C 210 2.50 -31.89 -28.58
N SER C 211 1.22 -31.54 -28.50
CA SER C 211 0.77 -30.46 -27.64
C SER C 211 0.39 -30.99 -26.27
N GLY C 212 0.20 -30.07 -25.33
CA GLY C 212 -0.17 -30.44 -23.98
C GLY C 212 0.28 -29.37 -23.00
N PHE C 213 0.10 -29.68 -21.72
CA PHE C 213 0.48 -28.78 -20.64
C PHE C 213 1.64 -29.34 -19.82
N ASN C 214 1.49 -30.56 -19.29
CA ASN C 214 2.55 -31.26 -18.58
C ASN C 214 3.06 -30.44 -17.38
N THR C 215 2.17 -30.27 -16.41
CA THR C 215 2.50 -29.58 -15.18
C THR C 215 3.76 -30.16 -14.55
N LEU C 216 4.75 -29.29 -14.34
CA LEU C 216 6.03 -29.71 -13.81
C LEU C 216 6.03 -29.72 -12.29
N LYS C 217 6.86 -30.58 -11.71
CA LYS C 217 7.02 -30.71 -10.27
C LYS C 217 8.50 -30.78 -9.96
N PRO C 218 8.99 -30.00 -9.00
CA PRO C 218 10.43 -30.04 -8.68
C PRO C 218 10.81 -31.31 -7.96
N ILE C 219 12.04 -31.77 -8.20
CA ILE C 219 12.59 -32.98 -7.61
C ILE C 219 13.86 -32.70 -6.82
N PHE C 220 14.77 -31.91 -7.39
CA PHE C 220 16.02 -31.58 -6.74
C PHE C 220 16.29 -30.09 -6.90
N LYS C 221 16.80 -29.47 -5.84
CA LYS C 221 17.13 -28.05 -5.82
C LYS C 221 18.50 -27.83 -5.18
N LEU C 222 19.48 -28.63 -5.60
CA LEU C 222 20.84 -28.52 -5.09
C LEU C 222 21.58 -27.41 -5.82
N PRO C 223 21.91 -26.31 -5.13
CA PRO C 223 22.56 -25.18 -5.81
C PRO C 223 23.94 -25.53 -6.36
N LEU C 224 24.82 -26.01 -5.49
CA LEU C 224 26.21 -26.38 -5.77
C LEU C 224 27.09 -25.19 -6.11
N GLY C 225 26.55 -23.98 -6.21
CA GLY C 225 27.36 -22.81 -6.52
C GLY C 225 28.09 -22.88 -7.84
N ILE C 226 27.51 -23.55 -8.83
CA ILE C 226 28.15 -23.75 -10.13
C ILE C 226 27.21 -23.22 -11.21
N ASN C 227 27.75 -22.40 -12.11
CA ASN C 227 26.99 -21.88 -13.25
C ASN C 227 27.05 -22.92 -14.37
N ILE C 228 25.96 -23.69 -14.51
CA ILE C 228 25.93 -24.76 -15.50
C ILE C 228 25.90 -24.16 -16.91
N THR C 229 26.67 -24.76 -17.81
CA THR C 229 26.72 -24.28 -19.19
C THR C 229 26.68 -25.38 -20.24
N ASN C 230 26.68 -26.66 -19.86
CA ASN C 230 26.73 -27.75 -20.82
C ASN C 230 26.03 -28.96 -20.23
N PHE C 231 25.93 -30.02 -21.03
CA PHE C 231 25.38 -31.30 -20.61
C PHE C 231 25.90 -32.38 -21.55
N ARG C 232 26.32 -33.51 -20.98
CA ARG C 232 26.98 -34.55 -21.76
C ARG C 232 26.66 -35.91 -21.14
N ALA C 233 27.47 -36.91 -21.50
CA ALA C 233 27.35 -38.28 -20.97
C ALA C 233 26.00 -38.90 -21.34
N ILE C 234 25.77 -39.02 -22.65
CA ILE C 234 24.61 -39.72 -23.18
C ILE C 234 25.00 -41.17 -23.42
N LEU C 235 24.08 -42.08 -23.12
CA LEU C 235 24.33 -43.51 -23.28
C LEU C 235 24.36 -43.86 -24.77
N THR C 236 24.62 -45.14 -25.06
CA THR C 236 24.74 -45.63 -26.43
C THR C 236 24.03 -46.96 -26.53
N ALA C 237 24.29 -47.68 -27.62
CA ALA C 237 23.68 -48.99 -27.89
C ALA C 237 22.16 -48.89 -27.92
N PHE C 238 21.66 -47.91 -28.67
CA PHE C 238 20.22 -47.70 -28.81
C PHE C 238 19.65 -48.51 -29.97
N ALA C 249 16.22 -45.62 -30.67
CA ALA C 249 16.56 -44.25 -31.08
C ALA C 249 17.25 -43.50 -29.94
N ALA C 250 17.79 -42.34 -30.26
CA ALA C 250 18.49 -41.52 -29.27
C ALA C 250 18.40 -40.07 -29.71
N ALA C 251 17.55 -39.30 -29.04
CA ALA C 251 17.36 -37.88 -29.33
C ALA C 251 17.62 -37.05 -28.08
N TYR C 252 17.69 -35.74 -28.26
CA TYR C 252 17.94 -34.80 -27.18
C TYR C 252 16.74 -33.92 -26.88
N PHE C 253 16.20 -33.24 -27.91
CA PHE C 253 15.06 -32.33 -27.76
C PHE C 253 15.31 -31.29 -26.66
N VAL C 254 16.37 -30.52 -26.86
CA VAL C 254 16.76 -29.44 -25.94
C VAL C 254 16.39 -28.11 -26.59
N GLY C 255 15.70 -27.28 -25.83
CA GLY C 255 15.26 -25.98 -26.33
C GLY C 255 15.62 -24.86 -25.38
N TYR C 256 16.04 -23.73 -25.94
CA TYR C 256 16.41 -22.58 -25.15
C TYR C 256 15.18 -21.88 -24.59
N LEU C 257 15.40 -20.99 -23.63
CA LEU C 257 14.33 -20.23 -23.00
C LEU C 257 14.70 -18.75 -22.96
N LYS C 258 13.67 -17.90 -22.96
CA LYS C 258 13.85 -16.46 -22.92
C LYS C 258 13.06 -15.87 -21.76
N PRO C 259 13.63 -14.90 -21.04
CA PRO C 259 12.91 -14.29 -19.92
C PRO C 259 11.72 -13.46 -20.37
N THR C 260 10.51 -13.91 -20.05
CA THR C 260 9.29 -13.19 -20.38
C THR C 260 8.38 -13.21 -19.16
N THR C 261 7.14 -12.77 -19.35
CA THR C 261 6.13 -12.78 -18.30
C THR C 261 5.07 -13.83 -18.59
N PHE C 262 4.46 -14.35 -17.53
CA PHE C 262 3.47 -15.40 -17.64
C PHE C 262 2.30 -15.12 -16.70
N MET C 263 1.12 -15.57 -17.10
CA MET C 263 -0.10 -15.46 -16.30
C MET C 263 -0.67 -16.86 -16.12
N LEU C 264 -0.70 -17.34 -14.88
CA LEU C 264 -1.12 -18.70 -14.58
C LEU C 264 -2.51 -18.70 -13.96
N LYS C 265 -3.20 -19.83 -14.09
CA LYS C 265 -4.51 -20.05 -13.50
C LYS C 265 -4.39 -21.07 -12.38
N TYR C 266 -5.02 -20.79 -11.24
CA TYR C 266 -5.03 -21.67 -10.09
C TYR C 266 -6.42 -22.28 -9.96
N ASP C 267 -6.55 -23.54 -10.35
CA ASP C 267 -7.83 -24.23 -10.28
C ASP C 267 -7.94 -24.97 -8.93
N GLU C 268 -8.97 -25.81 -8.80
CA GLU C 268 -9.16 -26.57 -7.57
C GLU C 268 -8.08 -27.63 -7.43
N ASN C 269 -7.86 -28.07 -6.18
CA ASN C 269 -6.90 -29.11 -5.83
C ASN C 269 -5.45 -28.71 -6.13
N GLY C 270 -5.21 -27.42 -6.36
CA GLY C 270 -3.85 -26.94 -6.55
C GLY C 270 -3.24 -27.24 -7.90
N THR C 271 -4.06 -27.50 -8.92
CA THR C 271 -3.57 -27.74 -10.26
C THR C 271 -3.76 -26.49 -11.12
N ILE C 272 -2.99 -26.42 -12.21
CA ILE C 272 -3.00 -25.25 -13.08
C ILE C 272 -3.92 -25.50 -14.27
N THR C 273 -3.55 -26.47 -15.11
CA THR C 273 -4.34 -26.92 -16.26
C THR C 273 -4.59 -25.82 -17.29
N ASP C 274 -4.03 -24.63 -17.08
CA ASP C 274 -4.23 -23.52 -18.01
C ASP C 274 -3.23 -22.39 -17.74
N ALA C 275 -2.54 -21.96 -18.79
CA ALA C 275 -1.57 -20.87 -18.67
C ALA C 275 -1.65 -19.99 -19.91
N VAL C 276 -1.38 -18.71 -19.72
CA VAL C 276 -1.42 -17.72 -20.79
C VAL C 276 -0.08 -16.99 -20.78
N ASP C 277 0.74 -17.23 -21.81
CA ASP C 277 2.02 -16.54 -21.95
C ASP C 277 1.77 -15.18 -22.60
N CYS C 278 2.12 -14.12 -21.90
CA CYS C 278 1.90 -12.76 -22.40
C CYS C 278 3.08 -12.27 -23.24
N SER C 279 3.50 -13.08 -24.20
CA SER C 279 4.58 -12.69 -25.09
C SER C 279 4.44 -13.23 -26.51
N GLN C 280 3.36 -13.93 -26.84
CA GLN C 280 3.23 -14.61 -28.12
C GLN C 280 2.44 -13.83 -29.16
N ASN C 281 1.34 -13.18 -28.76
CA ASN C 281 0.50 -12.45 -29.69
C ASN C 281 -0.08 -11.25 -28.96
N PRO C 282 -0.48 -10.21 -29.69
CA PRO C 282 -1.14 -9.07 -29.04
C PRO C 282 -2.45 -9.47 -28.35
N LEU C 283 -3.11 -10.52 -28.83
CA LEU C 283 -4.33 -10.99 -28.17
C LEU C 283 -4.02 -11.54 -26.78
N ALA C 284 -2.92 -12.28 -26.65
CA ALA C 284 -2.52 -12.78 -25.34
C ALA C 284 -2.15 -11.63 -24.41
N GLU C 285 -1.51 -10.58 -24.95
CA GLU C 285 -1.20 -9.42 -24.14
C GLU C 285 -2.46 -8.71 -23.67
N LEU C 286 -3.47 -8.62 -24.55
CA LEU C 286 -4.74 -8.02 -24.16
C LEU C 286 -5.44 -8.86 -23.10
N LYS C 287 -5.36 -10.18 -23.22
CA LYS C 287 -5.94 -11.06 -22.21
C LYS C 287 -5.24 -10.87 -20.87
N CYS C 288 -3.91 -10.71 -20.89
CA CYS C 288 -3.18 -10.49 -19.65
C CYS C 288 -3.39 -9.09 -19.09
N SER C 289 -3.82 -8.14 -19.92
CA SER C 289 -3.98 -6.77 -19.46
C SER C 289 -5.13 -6.65 -18.46
N VAL C 290 -6.34 -7.02 -18.88
CA VAL C 290 -7.52 -6.88 -18.04
C VAL C 290 -7.62 -7.96 -16.96
N LYS C 291 -6.66 -8.90 -16.93
CA LYS C 291 -6.65 -9.99 -15.96
C LYS C 291 -7.95 -10.79 -16.00
N SER C 292 -8.22 -11.35 -17.19
CA SER C 292 -9.41 -12.16 -17.40
C SER C 292 -9.18 -13.06 -18.60
N PHE C 293 -9.76 -14.26 -18.55
CA PHE C 293 -9.66 -15.24 -19.62
C PHE C 293 -10.74 -15.07 -20.67
N GLU C 294 -11.34 -13.89 -20.76
CA GLU C 294 -12.38 -13.62 -21.76
C GLU C 294 -12.34 -12.13 -22.10
N ILE C 295 -12.30 -11.82 -23.39
CA ILE C 295 -12.20 -10.46 -23.88
C ILE C 295 -13.50 -10.11 -24.60
N ASP C 296 -14.09 -8.98 -24.23
CA ASP C 296 -15.29 -8.48 -24.88
C ASP C 296 -14.89 -7.57 -26.04
N LYS C 297 -15.87 -6.94 -26.67
CA LYS C 297 -15.60 -6.03 -27.78
C LYS C 297 -15.29 -4.64 -27.26
N GLY C 298 -14.40 -3.95 -27.98
CA GLY C 298 -14.00 -2.61 -27.63
C GLY C 298 -12.50 -2.44 -27.78
N ILE C 299 -11.97 -1.42 -27.13
CA ILE C 299 -10.56 -1.07 -27.18
C ILE C 299 -10.02 -1.04 -25.76
N TYR C 300 -8.95 -1.80 -25.50
CA TYR C 300 -8.36 -1.88 -24.17
C TYR C 300 -6.85 -1.98 -24.29
N GLN C 301 -6.14 -1.32 -23.36
CA GLN C 301 -4.69 -1.30 -23.35
C GLN C 301 -4.17 -0.77 -22.02
N THR C 302 -3.16 -1.44 -21.44
CA THR C 302 -2.55 -1.01 -20.18
C THR C 302 -1.04 -0.93 -20.34
N SER C 303 -0.57 0.19 -20.89
CA SER C 303 0.83 0.61 -20.84
C SER C 303 1.80 -0.30 -21.59
N ASN C 304 1.31 -1.43 -22.09
CA ASN C 304 2.12 -2.43 -22.80
C ASN C 304 3.48 -2.64 -22.14
N PHE C 305 3.44 -2.88 -20.82
CA PHE C 305 4.65 -2.98 -20.01
C PHE C 305 5.01 -4.42 -19.69
N ARG C 306 4.49 -5.38 -20.45
CA ARG C 306 4.77 -6.80 -20.23
C ARG C 306 5.14 -7.48 -21.54
N VAL C 307 5.88 -6.78 -22.40
CA VAL C 307 6.29 -7.31 -23.71
C VAL C 307 7.78 -7.66 -23.72
N VAL C 308 8.65 -6.67 -23.52
CA VAL C 308 10.09 -6.89 -23.56
C VAL C 308 10.73 -6.32 -22.31
N PRO C 309 10.86 -7.10 -21.24
CA PRO C 309 11.61 -6.65 -20.07
C PRO C 309 13.08 -6.98 -20.17
N SER C 310 13.87 -6.29 -19.35
CA SER C 310 15.32 -6.49 -19.32
C SER C 310 15.81 -6.20 -17.91
N GLY C 311 17.13 -6.01 -17.77
CA GLY C 311 17.73 -5.77 -16.47
C GLY C 311 17.45 -4.40 -15.91
N ASP C 312 18.29 -3.94 -14.99
CA ASP C 312 18.11 -2.66 -14.32
C ASP C 312 19.47 -2.02 -14.08
N VAL C 313 19.59 -0.75 -14.46
CA VAL C 313 20.81 0.02 -14.23
C VAL C 313 20.60 0.85 -12.97
N VAL C 314 21.72 1.21 -12.32
CA VAL C 314 21.71 1.92 -11.06
C VAL C 314 22.68 3.10 -11.16
N ARG C 315 22.73 3.89 -10.10
CA ARG C 315 23.47 5.15 -10.06
C ARG C 315 24.03 5.33 -8.65
N PHE C 316 24.35 6.58 -8.29
CA PHE C 316 25.00 6.90 -7.03
C PHE C 316 26.36 6.22 -6.95
N PRO C 317 27.35 6.71 -7.70
CA PRO C 317 28.63 6.00 -7.83
C PRO C 317 29.43 5.90 -6.54
N ASN C 318 30.65 5.37 -6.66
CA ASN C 318 31.50 5.06 -5.51
C ASN C 318 31.57 6.24 -4.53
N ILE C 319 31.70 5.89 -3.25
CA ILE C 319 31.63 6.89 -2.19
C ILE C 319 32.79 7.87 -2.29
N THR C 320 32.63 9.02 -1.65
CA THR C 320 33.62 10.07 -1.56
C THR C 320 33.87 10.38 -0.08
N ASN C 321 34.56 11.49 0.18
CA ASN C 321 34.85 11.89 1.56
C ASN C 321 33.59 11.93 2.40
N LEU C 322 33.71 11.52 3.65
CA LEU C 322 32.56 11.39 4.54
C LEU C 322 31.92 12.75 4.81
N CYS C 323 30.61 12.73 5.04
CA CYS C 323 29.88 13.96 5.29
C CYS C 323 30.13 14.45 6.71
N PRO C 324 30.18 15.76 6.93
CA PRO C 324 30.49 16.29 8.26
C PRO C 324 29.28 16.34 9.19
N PHE C 325 28.21 15.63 8.85
CA PHE C 325 27.01 15.61 9.69
C PHE C 325 27.29 15.07 11.09
N GLY C 326 28.36 14.30 11.26
CA GLY C 326 28.68 13.79 12.58
C GLY C 326 29.20 14.86 13.51
N GLU C 327 30.08 15.73 13.00
CA GLU C 327 30.66 16.79 13.82
C GLU C 327 29.66 17.88 14.17
N VAL C 328 28.48 17.89 13.54
CA VAL C 328 27.47 18.90 13.86
C VAL C 328 26.94 18.69 15.27
N PHE C 329 26.54 17.47 15.60
CA PHE C 329 26.02 17.16 16.93
C PHE C 329 27.13 16.75 17.88
N ASN C 330 28.18 17.57 17.96
CA ASN C 330 29.28 17.32 18.88
C ASN C 330 29.88 18.58 19.49
N ALA C 331 29.40 19.76 19.12
CA ALA C 331 29.99 20.99 19.62
C ALA C 331 29.66 21.17 21.10
N THR C 332 30.70 21.41 21.90
CA THR C 332 30.49 21.63 23.33
C THR C 332 29.75 22.94 23.60
N LYS C 333 29.75 23.87 22.65
CA LYS C 333 29.03 25.13 22.78
C LYS C 333 28.18 25.36 21.54
N PHE C 334 27.03 26.00 21.73
CA PHE C 334 26.10 26.27 20.66
C PHE C 334 25.73 27.75 20.66
N PRO C 335 25.51 28.34 19.48
CA PRO C 335 25.17 29.77 19.43
C PRO C 335 23.77 30.07 19.95
N SER C 336 23.40 31.35 19.98
CA SER C 336 22.08 31.76 20.40
C SER C 336 21.10 31.60 19.24
N VAL C 337 19.89 32.14 19.38
CA VAL C 337 18.89 32.01 18.34
C VAL C 337 19.09 33.07 17.26
N TYR C 338 19.49 34.28 17.66
CA TYR C 338 19.68 35.36 16.70
C TYR C 338 21.01 35.29 15.97
N ALA C 339 21.96 34.51 16.48
CA ALA C 339 23.28 34.39 15.88
C ALA C 339 23.56 32.94 15.48
N TRP C 340 22.57 32.31 14.84
CA TRP C 340 22.73 30.92 14.42
C TRP C 340 23.77 30.82 13.31
N GLU C 341 24.71 29.89 13.48
CA GLU C 341 25.78 29.70 12.51
C GLU C 341 25.28 28.87 11.33
N ARG C 342 25.69 29.27 10.13
CA ARG C 342 25.33 28.58 8.90
C ARG C 342 26.55 27.87 8.35
N LYS C 343 26.58 26.55 8.49
CA LYS C 343 27.67 25.73 7.99
C LYS C 343 27.24 25.07 6.68
N LYS C 344 28.05 25.26 5.63
CA LYS C 344 27.75 24.72 4.32
C LYS C 344 28.37 23.33 4.17
N ILE C 345 27.61 22.40 3.62
CA ILE C 345 28.05 21.03 3.38
C ILE C 345 27.91 20.75 1.89
N SER C 346 29.02 20.36 1.26
CA SER C 346 29.03 20.06 -0.16
C SER C 346 30.08 19.01 -0.45
N ASN C 347 29.89 18.31 -1.57
CA ASN C 347 30.80 17.26 -2.03
C ASN C 347 30.97 16.18 -0.96
N CYS C 348 29.86 15.52 -0.64
CA CYS C 348 29.84 14.47 0.36
C CYS C 348 28.88 13.36 -0.08
N VAL C 349 28.92 12.26 0.66
CA VAL C 349 27.95 11.18 0.52
C VAL C 349 27.39 10.93 1.92
N ALA C 350 26.26 11.56 2.23
CA ALA C 350 25.72 11.50 3.58
C ALA C 350 25.25 10.09 3.93
N ASP C 351 25.67 9.61 5.10
CA ASP C 351 25.25 8.29 5.55
C ASP C 351 23.87 8.32 6.18
N TYR C 352 23.48 9.45 6.76
CA TYR C 352 22.18 9.61 7.42
C TYR C 352 21.97 8.56 8.51
N SER C 353 23.05 8.14 9.17
CA SER C 353 22.97 7.17 10.25
C SER C 353 22.83 7.82 11.61
N VAL C 354 23.36 9.03 11.79
CA VAL C 354 23.22 9.75 13.04
C VAL C 354 21.83 10.36 13.20
N LEU C 355 21.03 10.39 12.13
CA LEU C 355 19.67 10.90 12.21
C LEU C 355 18.67 9.80 12.53
N TYR C 356 18.86 8.60 11.97
CA TYR C 356 17.95 7.48 12.25
C TYR C 356 18.27 6.83 13.59
N ASN C 357 19.50 6.37 13.76
CA ASN C 357 19.90 5.74 15.01
C ASN C 357 19.99 6.77 16.12
N SER C 358 20.19 6.27 17.34
CA SER C 358 20.20 7.10 18.54
C SER C 358 18.93 7.93 18.65
N THR C 359 17.80 7.22 18.80
CA THR C 359 16.48 7.84 18.78
C THR C 359 16.24 8.58 20.10
N PHE C 360 16.89 9.73 20.23
CA PHE C 360 16.65 10.64 21.34
C PHE C 360 16.26 12.04 20.87
N PHE C 361 16.04 12.22 19.57
CA PHE C 361 15.58 13.50 19.03
C PHE C 361 14.08 13.61 19.27
N SER C 362 13.68 14.50 20.18
CA SER C 362 12.28 14.62 20.55
C SER C 362 11.45 15.38 19.52
N THR C 363 12.06 16.07 18.59
CA THR C 363 11.34 16.87 17.59
C THR C 363 11.91 16.62 16.19
N PHE C 364 12.11 15.35 15.85
CA PHE C 364 12.57 14.98 14.53
C PHE C 364 11.41 15.12 13.55
N LYS C 365 11.50 16.10 12.66
CA LYS C 365 10.46 16.35 11.68
C LYS C 365 11.08 16.69 10.33
N CYS C 366 10.42 16.25 9.26
CA CYS C 366 10.79 16.58 7.90
C CYS C 366 9.59 17.19 7.19
N TYR C 367 9.87 18.13 6.27
CA TYR C 367 8.81 18.90 5.64
C TYR C 367 8.75 18.71 4.13
N GLY C 368 9.88 18.78 3.44
CA GLY C 368 9.87 18.60 2.00
C GLY C 368 9.99 17.15 1.59
N VAL C 369 11.07 16.49 2.02
CA VAL C 369 11.29 15.10 1.69
C VAL C 369 10.71 14.22 2.79
N SER C 370 10.46 12.97 2.46
CA SER C 370 9.97 12.01 3.44
C SER C 370 11.04 11.75 4.49
N ALA C 371 10.59 11.46 5.72
CA ALA C 371 11.51 11.25 6.83
C ALA C 371 12.36 9.99 6.66
N THR C 372 12.01 9.11 5.74
CA THR C 372 12.76 7.88 5.49
C THR C 372 13.50 7.89 4.15
N LYS C 373 12.88 8.40 3.09
CA LYS C 373 13.49 8.42 1.77
C LYS C 373 14.55 9.52 1.72
N LEU C 374 15.69 9.24 2.36
CA LEU C 374 16.84 10.14 2.35
C LEU C 374 18.05 9.56 1.66
N ASN C 375 18.28 8.25 1.76
CA ASN C 375 19.38 7.59 1.07
C ASN C 375 19.08 7.32 -0.40
N ASP C 376 17.99 7.85 -0.93
CA ASP C 376 17.59 7.61 -2.30
C ASP C 376 17.71 8.84 -3.20
N LEU C 377 17.97 10.01 -2.63
CA LEU C 377 18.03 11.26 -3.39
C LEU C 377 19.43 11.84 -3.35
N CYS C 378 19.72 12.67 -4.35
CA CYS C 378 20.94 13.46 -4.41
C CYS C 378 20.54 14.93 -4.27
N PHE C 379 20.74 15.49 -3.08
CA PHE C 379 20.40 16.88 -2.85
C PHE C 379 21.45 17.80 -3.46
N SER C 380 21.00 18.96 -3.96
CA SER C 380 21.92 19.88 -4.61
C SER C 380 22.90 20.49 -3.61
N ASN C 381 22.41 20.94 -2.47
CA ASN C 381 23.25 21.54 -1.44
C ASN C 381 22.51 21.50 -0.12
N VAL C 382 23.21 21.11 0.94
CA VAL C 382 22.63 21.01 2.27
C VAL C 382 23.38 21.92 3.21
N TYR C 383 22.72 22.33 4.29
CA TYR C 383 23.27 23.26 5.25
C TYR C 383 22.96 22.77 6.65
N ALA C 384 23.31 23.58 7.65
CA ALA C 384 23.05 23.26 9.05
C ALA C 384 22.89 24.55 9.82
N ASP C 385 21.80 24.64 10.61
CA ASP C 385 21.50 25.82 11.41
C ASP C 385 21.34 25.38 12.86
N SER C 386 22.35 25.64 13.68
CA SER C 386 22.37 25.19 15.08
C SER C 386 22.05 26.38 15.99
N PHE C 387 21.02 26.22 16.81
CA PHE C 387 20.67 27.23 17.81
C PHE C 387 19.99 26.53 18.98
N VAL C 388 19.83 27.27 20.06
CA VAL C 388 19.29 26.75 21.31
C VAL C 388 17.98 27.48 21.61
N VAL C 389 16.91 26.69 21.80
CA VAL C 389 15.60 27.23 22.16
C VAL C 389 15.24 26.71 23.54
N LYS C 390 14.25 27.36 24.16
CA LYS C 390 13.87 27.10 25.54
C LYS C 390 12.66 26.18 25.58
N GLY C 391 12.92 24.89 25.74
CA GLY C 391 11.85 23.92 26.03
C GLY C 391 10.83 23.84 24.92
N ASP C 392 9.56 23.95 25.30
CA ASP C 392 8.44 23.81 24.38
C ASP C 392 8.35 24.93 23.34
N ASP C 393 9.27 25.90 23.38
CA ASP C 393 9.28 26.96 22.38
C ASP C 393 9.67 26.47 20.99
N VAL C 394 9.96 25.19 20.82
CA VAL C 394 10.29 24.64 19.50
C VAL C 394 8.96 24.23 18.87
N ARG C 395 8.25 25.22 18.35
CA ARG C 395 7.04 24.98 17.57
C ARG C 395 6.92 25.93 16.39
N GLN C 396 7.90 26.80 16.15
CA GLN C 396 7.85 27.78 15.08
C GLN C 396 9.01 27.62 14.11
N ILE C 397 9.70 26.47 14.17
CA ILE C 397 10.80 26.18 13.26
C ILE C 397 10.22 25.40 12.08
N ALA C 398 8.90 25.42 11.95
CA ALA C 398 8.14 24.83 10.88
C ALA C 398 7.64 25.89 9.91
N PRO C 399 7.51 25.56 8.63
CA PRO C 399 7.02 26.55 7.65
C PRO C 399 5.58 26.92 7.93
N GLY C 400 5.34 28.23 8.14
CA GLY C 400 4.02 28.77 8.35
C GLY C 400 3.77 29.25 9.78
N GLN C 401 4.41 28.62 10.75
CA GLN C 401 4.18 28.99 12.15
C GLN C 401 4.76 30.36 12.45
N THR C 402 4.03 31.15 13.22
CA THR C 402 4.43 32.48 13.62
C THR C 402 4.62 32.54 15.13
N GLY C 403 5.15 33.66 15.60
CA GLY C 403 5.38 33.86 17.01
C GLY C 403 6.56 34.79 17.22
N VAL C 404 7.21 34.63 18.37
CA VAL C 404 8.36 35.47 18.71
C VAL C 404 9.68 34.89 18.22
N ILE C 405 9.75 33.59 17.96
CA ILE C 405 10.94 32.96 17.43
C ILE C 405 10.76 32.60 15.95
N ALA C 406 9.83 33.27 15.27
CA ALA C 406 9.56 33.01 13.87
C ALA C 406 9.72 34.23 12.97
N ASP C 407 9.85 35.42 13.54
CA ASP C 407 10.08 36.62 12.74
C ASP C 407 11.12 37.55 13.35
N TYR C 408 11.74 37.19 14.47
CA TYR C 408 12.75 38.02 15.10
C TYR C 408 14.12 37.34 15.24
N ASN C 409 14.15 36.02 15.37
CA ASN C 409 15.39 35.28 15.56
C ASN C 409 15.72 34.35 14.39
N TYR C 410 14.79 33.47 14.02
CA TYR C 410 15.02 32.51 12.96
C TYR C 410 13.75 32.34 12.14
N LYS C 411 13.88 32.46 10.83
CA LYS C 411 12.76 32.33 9.90
C LYS C 411 12.88 31.04 9.11
N LEU C 412 11.86 30.76 8.29
CA LEU C 412 11.86 29.59 7.44
C LEU C 412 10.92 29.84 6.28
N PRO C 413 11.30 29.47 5.06
CA PRO C 413 10.43 29.74 3.90
C PRO C 413 9.20 28.85 3.91
N ASP C 414 8.22 29.24 3.09
CA ASP C 414 6.99 28.46 2.99
C ASP C 414 7.26 27.09 2.39
N ASP C 415 8.19 26.99 1.46
CA ASP C 415 8.63 25.73 0.87
C ASP C 415 10.06 25.50 1.37
N PHE C 416 10.16 24.89 2.56
CA PHE C 416 11.47 24.71 3.18
C PHE C 416 12.24 23.56 2.53
N MET C 417 11.58 22.41 2.35
CA MET C 417 12.18 21.23 1.73
C MET C 417 13.42 20.78 2.50
N GLY C 418 13.18 20.38 3.75
CA GLY C 418 14.26 19.91 4.60
C GLY C 418 13.72 19.37 5.90
N CYS C 419 14.61 18.76 6.67
CA CYS C 419 14.28 18.16 7.96
C CYS C 419 14.79 19.04 9.10
N VAL C 420 14.22 18.82 10.28
CA VAL C 420 14.63 19.51 11.49
C VAL C 420 14.80 18.49 12.60
N LEU C 421 15.67 18.81 13.56
CA LEU C 421 15.93 17.95 14.70
C LEU C 421 16.07 18.80 15.95
N ALA C 422 15.83 18.18 17.10
CA ALA C 422 15.94 18.85 18.38
C ALA C 422 16.11 17.81 19.48
N TRP C 423 17.14 17.97 20.30
CA TRP C 423 17.44 17.04 21.37
C TRP C 423 17.71 17.80 22.66
N ASN C 424 17.35 17.19 23.78
CA ASN C 424 17.43 17.85 25.08
C ASN C 424 18.88 17.92 25.55
N THR C 425 19.21 19.01 26.24
CA THR C 425 20.53 19.25 26.81
C THR C 425 20.39 19.76 28.25
N ARG C 426 19.53 19.09 29.02
CA ARG C 426 19.29 19.53 30.39
C ARG C 426 20.52 19.33 31.27
N ASN C 427 21.29 18.26 31.04
CA ASN C 427 22.44 17.95 31.87
C ASN C 427 23.70 18.72 31.46
N ILE C 428 23.60 19.63 30.51
CA ILE C 428 24.78 20.38 30.04
C ILE C 428 24.55 21.87 30.23
N ASP C 429 23.55 22.41 29.52
CA ASP C 429 23.29 23.86 29.53
C ASP C 429 22.27 24.23 30.61
N ALA C 430 22.54 23.85 31.85
CA ALA C 430 21.66 24.18 32.96
C ALA C 430 22.44 24.03 34.26
N THR C 431 22.34 25.03 35.13
CA THR C 431 23.02 25.03 36.41
C THR C 431 22.01 25.40 37.51
N SER C 432 22.42 25.17 38.75
CA SER C 432 21.60 25.47 39.91
C SER C 432 21.92 26.84 40.51
N THR C 433 22.74 27.65 39.83
CA THR C 433 23.10 28.97 40.34
C THR C 433 23.06 30.05 39.26
N GLY C 434 22.47 29.77 38.11
CA GLY C 434 22.38 30.76 37.05
C GLY C 434 23.12 30.36 35.78
N ASN C 435 22.37 30.04 34.73
CA ASN C 435 22.92 29.65 33.44
C ASN C 435 22.64 30.72 32.39
N TYR C 436 22.77 31.99 32.78
CA TYR C 436 22.45 33.11 31.89
C TYR C 436 23.55 33.25 30.84
N ASN C 437 23.42 32.45 29.78
CA ASN C 437 24.38 32.49 28.68
C ASN C 437 23.72 32.47 27.30
N TYR C 438 22.40 32.38 27.22
CA TYR C 438 21.70 32.34 25.94
C TYR C 438 20.64 33.43 25.92
N LYS C 439 20.52 34.10 24.78
CA LYS C 439 19.57 35.20 24.60
C LYS C 439 18.82 35.01 23.29
N TYR C 440 17.75 35.80 23.14
CA TYR C 440 16.95 35.77 21.92
C TYR C 440 16.37 37.15 21.68
N ARG C 441 16.20 37.49 20.41
CA ARG C 441 15.64 38.78 20.01
C ARG C 441 14.12 38.70 20.02
N TYR C 442 13.48 39.68 20.65
CA TYR C 442 12.03 39.73 20.74
C TYR C 442 11.44 41.10 20.41
N LEU C 443 12.26 42.06 20.00
CA LEU C 443 11.79 43.38 19.61
C LEU C 443 12.61 43.84 18.41
N ARG C 444 11.97 43.91 17.24
CA ARG C 444 12.65 44.30 16.02
C ARG C 444 11.63 44.89 15.05
N HIS C 445 12.04 45.93 14.34
CA HIS C 445 11.17 46.58 13.37
C HIS C 445 10.89 45.64 12.20
N GLY C 446 9.62 45.29 12.02
CA GLY C 446 9.24 44.40 10.95
C GLY C 446 9.53 42.95 11.27
N LYS C 447 9.43 42.12 10.23
CA LYS C 447 9.65 40.69 10.33
C LYS C 447 10.87 40.28 9.51
N LEU C 448 11.41 39.11 9.84
CA LEU C 448 12.57 38.60 9.12
C LEU C 448 12.17 37.93 7.83
N ARG C 449 13.05 38.01 6.85
CA ARG C 449 12.88 37.30 5.59
C ARG C 449 13.35 35.85 5.75
N PRO C 450 12.96 34.96 4.83
CA PRO C 450 13.44 33.57 4.89
C PRO C 450 14.97 33.49 4.93
N PHE C 451 15.49 32.84 5.97
CA PHE C 451 16.93 32.67 6.18
C PHE C 451 17.63 34.03 6.28
N GLU C 452 17.24 34.79 7.30
CA GLU C 452 17.83 36.08 7.60
C GLU C 452 18.44 36.06 8.99
N ARG C 453 19.54 36.80 9.14
CA ARG C 453 20.30 36.84 10.38
C ARG C 453 20.63 38.27 10.74
N ASP C 454 20.45 38.62 12.01
CA ASP C 454 20.77 39.96 12.52
C ASP C 454 21.36 39.81 13.91
N ILE C 455 22.56 40.37 14.11
CA ILE C 455 23.25 40.26 15.39
C ILE C 455 23.40 41.66 15.99
N SER C 456 22.46 42.53 15.71
CA SER C 456 22.53 43.90 16.22
C SER C 456 22.24 43.93 17.72
N ASN C 457 22.76 44.98 18.37
CA ASN C 457 22.57 45.19 19.80
C ASN C 457 22.45 46.69 20.03
N VAL C 458 21.21 47.18 20.11
CA VAL C 458 20.94 48.61 20.24
C VAL C 458 19.50 48.78 20.72
N PRO C 459 19.25 49.71 21.65
CA PRO C 459 17.86 49.96 22.06
C PRO C 459 16.99 50.34 20.87
N PHE C 460 15.71 49.97 20.96
CA PHE C 460 14.79 50.08 19.84
C PHE C 460 13.59 50.95 20.21
N SER C 461 13.13 51.73 19.23
CA SER C 461 11.93 52.56 19.35
C SER C 461 11.49 52.97 17.94
N PRO C 462 10.22 52.80 17.59
CA PRO C 462 9.80 53.04 16.20
C PRO C 462 9.58 54.52 15.88
N ASP C 463 10.48 55.38 16.33
CA ASP C 463 10.46 56.79 15.97
C ASP C 463 11.86 57.35 15.77
N GLY C 464 12.83 56.51 15.46
CA GLY C 464 14.25 56.91 15.50
C GLY C 464 14.86 56.61 16.87
N LYS C 465 15.06 57.66 17.67
CA LYS C 465 15.33 57.52 19.10
C LYS C 465 16.57 56.66 19.37
N PRO C 466 17.79 57.19 19.15
CA PRO C 466 18.99 56.45 19.54
C PRO C 466 18.90 55.83 20.93
N CYS C 467 18.18 56.47 21.85
CA CYS C 467 17.74 55.86 23.11
C CYS C 467 18.93 55.38 23.95
N THR C 468 19.70 56.35 24.42
CA THR C 468 20.68 56.07 25.45
C THR C 468 20.00 55.35 26.62
N PRO C 469 20.61 54.32 27.17
CA PRO C 469 19.89 53.36 28.03
C PRO C 469 19.15 54.03 29.19
N PRO C 470 19.81 54.81 30.03
CA PRO C 470 19.13 55.26 31.27
C PRO C 470 18.36 56.56 31.15
N ALA C 471 18.17 57.11 29.95
CA ALA C 471 17.58 58.44 29.84
C ALA C 471 16.14 58.51 30.36
N LEU C 472 15.20 57.89 29.65
CA LEU C 472 13.82 57.84 30.14
C LEU C 472 13.28 56.42 30.25
N ASN C 473 13.24 55.66 29.13
CA ASN C 473 12.62 54.34 29.14
C ASN C 473 13.33 53.36 28.21
N CYS C 474 14.64 53.52 28.02
CA CYS C 474 15.37 52.72 27.05
C CYS C 474 15.87 51.44 27.70
N TYR C 475 15.70 50.32 27.00
CA TYR C 475 16.12 49.01 27.49
C TYR C 475 16.61 48.17 26.31
N TRP C 476 17.44 47.19 26.64
CA TRP C 476 18.05 46.35 25.61
C TRP C 476 17.02 45.36 25.07
N PRO C 477 16.73 45.36 23.76
CA PRO C 477 15.74 44.42 23.19
C PRO C 477 16.29 43.00 23.06
N LEU C 478 16.71 42.43 24.19
CA LEU C 478 17.23 41.07 24.21
C LEU C 478 17.03 40.51 25.61
N ASN C 479 16.08 39.59 25.74
CA ASN C 479 15.74 38.98 27.03
C ASN C 479 16.50 37.66 27.17
N ASP C 480 17.29 37.56 28.23
CA ASP C 480 18.05 36.35 28.50
C ASP C 480 17.13 35.26 29.06
N TYR C 481 17.48 34.01 28.76
CA TYR C 481 16.67 32.88 29.20
C TYR C 481 16.86 32.61 30.69
N GLY C 482 16.02 31.73 31.21
CA GLY C 482 16.04 31.38 32.62
C GLY C 482 16.41 29.94 32.86
N PHE C 483 17.41 29.44 32.13
CA PHE C 483 17.82 28.04 32.25
C PHE C 483 18.29 27.74 33.66
N TYR C 484 17.62 26.79 34.31
CA TYR C 484 18.01 26.31 35.63
C TYR C 484 17.84 24.80 35.67
N THR C 485 18.22 24.20 36.79
CA THR C 485 18.12 22.76 36.97
C THR C 485 16.74 22.33 37.46
N THR C 486 16.19 23.02 38.45
CA THR C 486 14.89 22.68 39.00
C THR C 486 13.79 23.49 38.29
N THR C 487 13.57 23.12 37.03
CA THR C 487 12.55 23.78 36.22
C THR C 487 11.66 22.74 35.54
N GLY C 488 10.76 23.20 34.66
CA GLY C 488 9.87 22.31 33.95
C GLY C 488 10.45 21.85 32.62
N ILE C 489 9.70 20.96 31.97
CA ILE C 489 10.14 20.43 30.68
C ILE C 489 10.12 21.54 29.62
N GLY C 490 9.14 22.43 29.70
CA GLY C 490 9.02 23.51 28.73
C GLY C 490 10.02 24.63 28.89
N TYR C 491 10.93 24.55 29.84
CA TYR C 491 11.95 25.56 30.08
C TYR C 491 13.34 24.94 30.12
N GLN C 492 13.60 24.02 29.21
CA GLN C 492 14.89 23.35 29.13
C GLN C 492 15.57 23.66 27.80
N PRO C 493 16.89 23.78 27.78
CA PRO C 493 17.59 24.10 26.52
C PRO C 493 17.50 22.96 25.52
N TYR C 494 16.84 23.23 24.40
CA TYR C 494 16.73 22.28 23.30
C TYR C 494 17.53 22.81 22.12
N ARG C 495 18.60 22.09 21.76
CA ARG C 495 19.44 22.47 20.63
C ARG C 495 18.80 21.99 19.34
N VAL C 496 18.38 22.93 18.49
CA VAL C 496 17.69 22.62 17.25
C VAL C 496 18.68 22.79 16.10
N VAL C 497 18.93 21.71 15.37
CA VAL C 497 19.78 21.72 14.20
C VAL C 497 18.88 21.57 12.98
N VAL C 498 18.84 22.61 12.16
CA VAL C 498 17.94 22.67 11.01
C VAL C 498 18.73 22.36 9.76
N LEU C 499 18.40 21.24 9.10
CA LEU C 499 19.07 20.82 7.88
C LEU C 499 18.23 21.28 6.69
N SER C 500 18.77 22.24 5.92
CA SER C 500 18.07 22.82 4.78
C SER C 500 18.53 22.10 3.52
N PHE C 501 17.69 21.18 3.04
CA PHE C 501 17.98 20.48 1.80
C PHE C 501 17.59 21.32 0.60
N GLU C 502 18.27 21.09 -0.53
CA GLU C 502 18.00 21.83 -1.76
C GLU C 502 18.08 20.88 -2.95
N LEU C 503 17.33 21.21 -4.00
CA LEU C 503 17.31 20.46 -5.24
C LEU C 503 17.41 21.39 -6.43
N LEU C 504 18.27 22.40 -6.33
CA LEU C 504 18.44 23.37 -7.40
C LEU C 504 19.20 22.75 -8.57
N ASN C 505 19.37 23.54 -9.63
CA ASN C 505 20.09 23.10 -10.83
C ASN C 505 21.58 23.21 -10.56
N ALA C 506 22.16 22.11 -10.08
CA ALA C 506 23.58 22.06 -9.73
C ALA C 506 23.99 20.60 -9.65
N PRO C 507 25.28 20.31 -9.80
CA PRO C 507 25.74 18.92 -9.67
C PRO C 507 25.44 18.36 -8.30
N ALA C 508 25.32 17.03 -8.25
CA ALA C 508 24.99 16.34 -7.00
C ALA C 508 26.15 16.46 -6.02
N THR C 509 25.90 17.09 -4.88
CA THR C 509 26.91 17.27 -3.85
C THR C 509 26.72 16.37 -2.63
N VAL C 510 25.53 15.80 -2.46
CA VAL C 510 25.26 14.90 -1.35
C VAL C 510 24.26 13.84 -1.78
N CYS C 511 24.62 12.57 -1.63
CA CYS C 511 23.76 11.46 -2.03
C CYS C 511 23.74 10.39 -0.95
N GLY C 512 23.18 9.22 -1.28
CA GLY C 512 23.14 8.11 -0.35
C GLY C 512 24.28 7.13 -0.59
N PRO C 513 24.64 6.36 0.44
CA PRO C 513 25.74 5.40 0.30
C PRO C 513 25.37 4.22 -0.58
N LYS C 514 25.34 4.41 -1.89
CA LYS C 514 25.01 3.36 -2.84
C LYS C 514 26.15 3.16 -3.81
N LEU C 515 26.02 2.12 -4.63
CA LEU C 515 27.00 1.79 -5.67
C LEU C 515 26.36 1.89 -7.04
N SER C 516 27.20 2.06 -8.06
CA SER C 516 26.75 2.21 -9.43
C SER C 516 27.36 1.15 -10.32
N THR C 517 26.82 1.04 -11.54
CA THR C 517 27.32 0.09 -12.52
C THR C 517 27.55 0.80 -13.84
N ASP C 518 27.88 0.05 -14.90
CA ASP C 518 28.13 0.64 -16.19
C ASP C 518 26.83 1.03 -16.89
N LEU C 519 26.90 2.10 -17.69
CA LEU C 519 25.74 2.59 -18.41
C LEU C 519 25.53 1.73 -19.65
N ILE C 520 24.52 0.88 -19.62
CA ILE C 520 24.23 -0.03 -20.74
C ILE C 520 23.46 0.73 -21.81
N LYS C 521 23.89 0.58 -23.05
CA LYS C 521 23.27 1.26 -24.18
C LYS C 521 22.38 0.30 -24.97
N ASN C 522 21.31 0.86 -25.53
CA ASN C 522 20.40 0.13 -26.42
C ASN C 522 19.86 -1.14 -25.76
N GLN C 523 19.18 -0.93 -24.64
CA GLN C 523 18.54 -2.03 -23.93
C GLN C 523 17.43 -1.47 -23.06
N CYS C 524 16.27 -2.13 -23.08
CA CYS C 524 15.09 -1.65 -22.35
C CYS C 524 15.22 -2.01 -20.88
N VAL C 525 16.20 -1.38 -20.23
CA VAL C 525 16.46 -1.57 -18.80
C VAL C 525 15.90 -0.38 -18.04
N ASN C 526 15.39 -0.64 -16.84
CA ASN C 526 14.87 0.43 -16.00
C ASN C 526 16.04 1.24 -15.44
N PHE C 527 15.92 2.56 -15.52
CA PHE C 527 16.97 3.45 -15.03
C PHE C 527 16.59 4.01 -13.67
N ASN C 528 17.56 4.05 -12.76
CA ASN C 528 17.38 4.59 -11.41
C ASN C 528 18.48 5.61 -11.20
N PHE C 529 18.25 6.84 -11.63
CA PHE C 529 19.22 7.91 -11.49
C PHE C 529 19.15 8.50 -10.09
N ASN C 530 19.78 9.66 -9.91
CA ASN C 530 19.79 10.32 -8.61
C ASN C 530 18.38 10.53 -8.07
N GLY C 531 17.50 11.10 -8.90
CA GLY C 531 16.13 11.33 -8.51
C GLY C 531 15.15 11.08 -9.63
N LEU C 532 15.62 10.45 -10.71
CA LEU C 532 14.81 10.19 -11.89
C LEU C 532 14.76 8.68 -12.12
N THR C 533 13.59 8.10 -11.95
CA THR C 533 13.38 6.66 -12.14
C THR C 533 12.49 6.44 -13.36
N GLY C 534 12.26 5.17 -13.67
CA GLY C 534 11.45 4.81 -14.82
C GLY C 534 12.04 3.67 -15.62
N THR C 535 11.71 3.61 -16.91
CA THR C 535 12.21 2.56 -17.78
C THR C 535 12.26 3.09 -19.21
N GLY C 536 13.08 2.45 -20.03
CA GLY C 536 13.23 2.84 -21.41
C GLY C 536 14.53 2.32 -21.98
N VAL C 537 14.85 2.80 -23.17
CA VAL C 537 16.03 2.38 -23.91
C VAL C 537 17.06 3.50 -23.79
N LEU C 538 17.99 3.36 -22.85
CA LEU C 538 19.04 4.35 -22.62
C LEU C 538 19.97 4.38 -23.84
N THR C 539 19.92 5.46 -24.60
CA THR C 539 20.76 5.63 -25.77
C THR C 539 21.40 7.01 -25.76
N PRO C 540 22.68 7.12 -26.13
CA PRO C 540 23.32 8.44 -26.17
C PRO C 540 22.76 9.28 -27.32
N SER C 541 22.68 10.59 -27.07
CA SER C 541 22.12 11.51 -28.04
C SER C 541 22.84 12.85 -27.89
N SER C 542 22.26 13.91 -28.47
CA SER C 542 22.84 15.25 -28.39
C SER C 542 21.70 16.25 -28.31
N LYS C 543 21.72 17.08 -27.27
CA LYS C 543 20.69 18.10 -27.07
C LYS C 543 21.38 19.38 -26.61
N ARG C 544 20.58 20.33 -26.14
CA ARG C 544 21.07 21.63 -25.67
C ARG C 544 21.07 21.60 -24.15
N PHE C 545 22.21 21.22 -23.57
CA PHE C 545 22.37 21.12 -22.14
C PHE C 545 23.37 22.16 -21.64
N GLN C 546 23.32 22.44 -20.34
CA GLN C 546 24.20 23.38 -19.70
C GLN C 546 25.14 22.67 -18.74
N PRO C 547 26.36 23.22 -18.52
CA PRO C 547 27.29 22.56 -17.61
C PRO C 547 26.78 22.44 -16.19
N PHE C 548 26.10 23.46 -15.68
CA PHE C 548 25.56 23.40 -14.32
C PHE C 548 24.30 22.56 -14.21
N GLN C 549 23.63 22.29 -15.32
CA GLN C 549 22.43 21.47 -15.30
C GLN C 549 22.81 19.99 -15.34
N GLN C 550 22.20 19.21 -14.44
CA GLN C 550 22.48 17.78 -14.34
C GLN C 550 21.46 16.93 -15.09
N PHE C 551 20.17 17.14 -14.83
CA PHE C 551 19.10 16.38 -15.45
C PHE C 551 18.17 17.33 -16.21
N GLY C 552 17.21 16.74 -16.91
CA GLY C 552 16.24 17.51 -17.66
C GLY C 552 14.94 16.75 -17.81
N ARG C 553 13.85 17.50 -17.90
CA ARG C 553 12.51 16.95 -18.04
C ARG C 553 11.94 17.29 -19.41
N ASP C 554 10.83 16.63 -19.74
CA ASP C 554 10.14 16.84 -21.01
C ASP C 554 8.91 17.72 -20.77
N VAL C 555 8.12 17.91 -21.83
CA VAL C 555 6.92 18.74 -21.71
C VAL C 555 5.87 18.04 -20.85
N SER C 556 5.81 16.71 -20.90
CA SER C 556 4.85 15.94 -20.13
C SER C 556 5.36 15.59 -18.73
N ASP C 557 6.30 16.37 -18.20
CA ASP C 557 6.87 16.15 -16.87
C ASP C 557 7.52 14.78 -16.76
N PHE C 558 8.18 14.35 -17.83
CA PHE C 558 8.89 13.08 -17.88
C PHE C 558 10.38 13.34 -18.09
N THR C 559 11.20 12.47 -17.50
CA THR C 559 12.64 12.61 -17.60
C THR C 559 13.10 12.42 -19.04
N ASP C 560 13.71 13.46 -19.60
CA ASP C 560 14.20 13.43 -20.97
C ASP C 560 15.68 13.07 -21.04
N SER C 561 16.53 13.86 -20.38
CA SER C 561 17.96 13.62 -20.40
C SER C 561 18.56 13.91 -19.02
N VAL C 562 19.69 13.27 -18.74
CA VAL C 562 20.37 13.42 -17.46
C VAL C 562 21.80 12.95 -17.63
N ARG C 563 22.74 13.70 -17.04
CA ARG C 563 24.14 13.34 -17.08
C ARG C 563 24.46 12.25 -16.06
N ASP C 564 25.60 11.60 -16.27
CA ASP C 564 26.04 10.55 -15.36
C ASP C 564 26.81 11.17 -14.20
N PRO C 565 26.51 10.79 -12.95
CA PRO C 565 27.22 11.41 -11.81
C PRO C 565 28.68 11.00 -11.71
N LYS C 566 29.03 9.80 -12.18
CA LYS C 566 30.40 9.32 -12.02
C LYS C 566 31.36 10.05 -12.95
N THR C 567 31.16 9.91 -14.25
CA THR C 567 31.98 10.58 -15.26
C THR C 567 31.27 10.45 -16.60
N SER C 568 31.94 10.90 -17.66
CA SER C 568 31.44 10.82 -19.02
C SER C 568 30.06 11.48 -19.14
N GLU C 569 30.04 12.77 -18.86
CA GLU C 569 28.80 13.55 -18.91
C GLU C 569 28.34 13.65 -20.36
N ILE C 570 27.32 12.87 -20.72
CA ILE C 570 26.73 12.86 -22.04
C ILE C 570 25.22 12.93 -21.90
N LEU C 571 24.53 12.89 -23.04
CA LEU C 571 23.08 12.90 -23.03
C LEU C 571 22.54 11.55 -22.58
N ASP C 572 21.22 11.46 -22.47
CA ASP C 572 20.58 10.28 -21.92
C ASP C 572 19.52 9.72 -22.86
N ILE C 573 18.69 8.81 -22.34
CA ILE C 573 17.68 8.07 -23.09
C ILE C 573 16.90 8.97 -24.05
N SER C 574 16.82 8.56 -25.32
CA SER C 574 16.07 9.26 -26.33
C SER C 574 14.58 9.03 -26.11
N PRO C 575 13.71 9.72 -26.84
CA PRO C 575 12.27 9.42 -26.77
C PRO C 575 12.02 7.94 -26.99
N CYS C 576 11.20 7.37 -26.10
CA CYS C 576 10.94 5.93 -26.08
C CYS C 576 9.93 5.58 -27.16
N ALA C 577 9.39 4.36 -27.09
CA ALA C 577 8.43 3.90 -28.08
C ALA C 577 7.25 4.86 -28.17
N PHE C 578 6.64 4.91 -29.36
CA PHE C 578 5.58 5.87 -29.64
C PHE C 578 4.27 5.47 -28.97
N GLY C 579 4.22 5.58 -27.65
CA GLY C 579 3.01 5.27 -26.90
C GLY C 579 2.68 3.79 -26.84
N GLY C 580 1.68 3.45 -26.03
CA GLY C 580 1.25 2.07 -25.91
C GLY C 580 0.17 1.71 -26.91
N VAL C 581 0.48 0.75 -27.79
CA VAL C 581 -0.47 0.35 -28.83
C VAL C 581 -1.63 -0.42 -28.20
N SER C 582 -2.84 -0.11 -28.66
CA SER C 582 -4.04 -0.78 -28.17
C SER C 582 -4.37 -1.99 -29.06
N VAL C 583 -5.09 -2.93 -28.47
CA VAL C 583 -5.46 -4.17 -29.15
C VAL C 583 -6.98 -4.18 -29.30
N ILE C 584 -7.46 -4.11 -30.53
CA ILE C 584 -8.89 -4.15 -30.82
C ILE C 584 -9.30 -5.59 -31.05
N THR C 585 -10.22 -6.09 -30.23
CA THR C 585 -10.73 -7.45 -30.35
C THR C 585 -12.25 -7.41 -30.40
N PRO C 586 -12.88 -7.90 -31.47
CA PRO C 586 -14.35 -7.89 -31.55
C PRO C 586 -15.04 -9.00 -30.77
N GLY C 587 -14.32 -9.74 -29.92
CA GLY C 587 -14.92 -10.81 -29.16
C GLY C 587 -14.12 -12.09 -29.16
N THR C 588 -13.94 -12.69 -27.98
CA THR C 588 -13.19 -13.94 -27.89
C THR C 588 -13.95 -15.09 -28.53
N ASN C 589 -15.25 -15.22 -28.22
CA ASN C 589 -16.05 -16.29 -28.79
C ASN C 589 -16.39 -16.03 -30.25
N ALA C 590 -16.28 -14.79 -30.72
CA ALA C 590 -16.61 -14.47 -32.10
C ALA C 590 -15.63 -15.11 -33.06
N SER C 591 -14.35 -14.79 -32.92
CA SER C 591 -13.31 -15.33 -33.80
C SER C 591 -12.00 -15.34 -33.03
N SER C 592 -10.91 -15.69 -33.73
CA SER C 592 -9.58 -15.74 -33.13
C SER C 592 -8.63 -14.72 -33.74
N GLU C 593 -9.14 -13.78 -34.53
CA GLU C 593 -8.28 -12.77 -35.13
C GLU C 593 -7.79 -11.77 -34.08
N VAL C 594 -6.75 -11.03 -34.44
CA VAL C 594 -6.16 -10.04 -33.55
C VAL C 594 -5.73 -8.83 -34.38
N ALA C 595 -6.02 -7.64 -33.86
CA ALA C 595 -5.66 -6.39 -34.53
C ALA C 595 -5.15 -5.40 -33.49
N VAL C 596 -4.22 -4.56 -33.92
CA VAL C 596 -3.60 -3.58 -33.04
C VAL C 596 -4.04 -2.17 -33.46
N LEU C 597 -3.98 -1.25 -32.50
CA LEU C 597 -4.37 0.14 -32.74
C LEU C 597 -3.37 1.03 -32.01
N TYR C 598 -2.49 1.69 -32.77
CA TYR C 598 -1.49 2.56 -32.18
C TYR C 598 -2.12 3.91 -31.83
N GLN C 599 -1.84 4.37 -30.60
CA GLN C 599 -2.45 5.61 -30.11
C GLN C 599 -2.00 6.81 -30.94
N ASP C 600 -0.70 7.12 -30.90
CA ASP C 600 -0.15 8.29 -31.58
C ASP C 600 1.18 7.89 -32.23
N VAL C 601 1.12 7.52 -33.50
CA VAL C 601 2.30 7.16 -34.28
C VAL C 601 2.19 7.83 -35.65
N ASN C 602 3.18 7.56 -36.51
CA ASN C 602 3.16 8.04 -37.88
C ASN C 602 2.86 6.93 -38.88
N CYS C 603 2.82 5.67 -38.44
CA CYS C 603 2.54 4.51 -39.30
C CYS C 603 3.54 4.38 -40.44
N THR C 604 4.74 4.93 -40.27
CA THR C 604 5.81 4.82 -41.26
C THR C 604 7.04 4.12 -40.71
N ASP C 605 7.51 4.52 -39.52
CA ASP C 605 8.67 3.91 -38.89
C ASP C 605 8.30 2.77 -37.95
N VAL C 606 7.01 2.43 -37.85
CA VAL C 606 6.59 1.35 -36.96
C VAL C 606 7.16 0.02 -37.43
N SER C 607 7.09 -0.25 -38.73
CA SER C 607 7.64 -1.49 -39.26
C SER C 607 9.15 -1.55 -39.08
N THR C 608 9.82 -0.42 -39.24
CA THR C 608 11.27 -0.38 -39.04
C THR C 608 11.64 -0.64 -37.58
N ALA C 609 10.87 -0.07 -36.65
CA ALA C 609 11.15 -0.29 -35.24
C ALA C 609 10.81 -1.71 -34.81
N ILE C 610 9.82 -2.34 -35.44
CA ILE C 610 9.44 -3.70 -35.07
C ILE C 610 10.42 -4.71 -35.65
N HIS C 611 10.74 -4.58 -36.94
CA HIS C 611 11.61 -5.54 -37.60
C HIS C 611 13.04 -5.52 -37.05
N ALA C 612 13.45 -4.42 -36.41
CA ALA C 612 14.78 -4.31 -35.83
C ALA C 612 14.79 -4.64 -34.34
N ASP C 613 13.65 -5.10 -33.80
CA ASP C 613 13.53 -5.44 -32.38
C ASP C 613 13.89 -4.26 -31.47
N GLN C 614 13.62 -3.04 -31.94
CA GLN C 614 13.91 -1.83 -31.18
C GLN C 614 12.67 -1.18 -30.57
N LEU C 615 11.47 -1.66 -30.93
CA LEU C 615 10.23 -1.10 -30.40
C LEU C 615 9.80 -1.89 -29.17
N THR C 616 9.11 -1.19 -28.26
CA THR C 616 8.71 -1.83 -27.00
C THR C 616 7.65 -2.91 -27.22
N PRO C 617 6.53 -2.66 -27.93
CA PRO C 617 5.59 -3.78 -28.16
C PRO C 617 5.98 -4.60 -29.38
N ALA C 618 7.11 -5.30 -29.28
CA ALA C 618 7.64 -6.11 -30.36
C ALA C 618 7.34 -7.58 -30.06
N TRP C 619 6.33 -8.12 -30.74
CA TRP C 619 5.96 -9.51 -30.57
C TRP C 619 6.80 -10.40 -31.48
N ARG C 620 7.05 -11.63 -31.02
CA ARG C 620 7.82 -12.58 -31.80
C ARG C 620 7.07 -13.00 -33.06
N ILE C 621 5.87 -13.57 -32.88
CA ILE C 621 5.03 -13.98 -34.00
C ILE C 621 4.13 -12.79 -34.31
N TYR C 622 4.61 -11.91 -35.18
CA TYR C 622 3.86 -10.71 -35.55
C TYR C 622 4.27 -10.29 -36.96
N SER C 623 3.31 -9.78 -37.72
CA SER C 623 3.54 -9.34 -39.09
C SER C 623 2.81 -8.03 -39.33
N THR C 624 2.88 -7.54 -40.56
CA THR C 624 2.24 -6.29 -40.95
C THR C 624 1.62 -6.49 -42.33
N GLY C 625 0.32 -6.24 -42.44
CA GLY C 625 -0.37 -6.45 -43.70
C GLY C 625 -0.66 -5.19 -44.48
N ASN C 626 -1.11 -4.14 -43.79
CA ASN C 626 -1.46 -2.90 -44.46
C ASN C 626 -1.56 -1.78 -43.43
N ASN C 627 -1.02 -0.62 -43.77
CA ASN C 627 -1.08 0.56 -42.92
C ASN C 627 -1.73 1.71 -43.69
N VAL C 628 -2.76 2.31 -43.09
CA VAL C 628 -3.47 3.44 -43.68
C VAL C 628 -3.23 4.65 -42.79
N PHE C 629 -2.93 5.79 -43.41
CA PHE C 629 -2.58 7.01 -42.69
C PHE C 629 -3.65 8.07 -42.95
N GLN C 630 -4.40 8.42 -41.91
CA GLN C 630 -5.38 9.50 -41.99
C GLN C 630 -5.20 10.45 -40.81
N THR C 631 -6.12 11.39 -40.65
CA THR C 631 -6.11 12.24 -39.45
C THR C 631 -6.37 11.39 -38.22
N GLN C 632 -5.40 11.33 -37.32
CA GLN C 632 -5.39 10.38 -36.21
C GLN C 632 -5.59 8.96 -36.74
N ALA C 633 -4.59 8.53 -37.53
CA ALA C 633 -4.67 7.30 -38.30
C ALA C 633 -4.94 6.07 -37.44
N GLY C 634 -4.00 5.73 -36.56
CA GLY C 634 -4.10 4.50 -35.81
C GLY C 634 -4.12 3.30 -36.74
N CYS C 635 -3.01 3.02 -37.40
CA CYS C 635 -2.92 1.96 -38.39
C CYS C 635 -3.37 0.63 -37.79
N LEU C 636 -4.47 0.10 -38.33
CA LEU C 636 -5.08 -1.13 -37.83
C LEU C 636 -4.43 -2.32 -38.54
N ILE C 637 -3.34 -2.81 -37.95
CA ILE C 637 -2.62 -3.95 -38.50
C ILE C 637 -3.30 -5.23 -38.06
N GLY C 638 -3.81 -5.99 -39.01
CA GLY C 638 -4.51 -7.23 -38.71
C GLY C 638 -5.71 -7.47 -39.62
N ALA C 639 -6.19 -6.41 -40.26
CA ALA C 639 -7.32 -6.51 -41.18
C ALA C 639 -7.21 -5.40 -42.21
N GLU C 640 -7.51 -5.75 -43.46
CA GLU C 640 -7.45 -4.78 -44.55
C GLU C 640 -8.81 -4.15 -44.81
#